data_1O5I
#
_entry.id   1O5I
#
_cell.length_a   63.515
_cell.length_b   117.120
_cell.length_c   140.847
_cell.angle_alpha   90.00
_cell.angle_beta   90.00
_cell.angle_gamma   90.00
#
_symmetry.space_group_name_H-M   'P 21 21 21'
#
loop_
_entity.id
_entity.type
_entity.pdbx_description
1 polymer '3-oxoacyl-(acyl carrier protein) reductase'
2 non-polymer NICOTINAMIDE-ADENINE-DINUCLEOTIDE
3 water water
#
_entity_poly.entity_id   1
_entity_poly.type   'polypeptide(L)'
_entity_poly.pdbx_seq_one_letter_code
;MGSDKIHHHHHHMELGIRDKGVLVLAASRGIGRAVADVLSQEGAEVTICARNEELLKRSGHRYVVCDLRKDLDLLFEKVK
EVDILVLNAGGPKAGFFDELTNEDFKEAIDSLFLNMIKIVRNYLPAMKEKGWGRIVAITSFSVISPIENLYTSNSARMAL
TGFLKTLSFEVAPYGITVNCVAPGWTETERVKELLSEEKKKQVESQIPMRRMAKPEEIASVVAFLCSEKASYLTGQTIVV
DGGLSKFPL
;
_entity_poly.pdbx_strand_id   A,B,C,D
#
loop_
_chem_comp.id
_chem_comp.type
_chem_comp.name
_chem_comp.formula
NAD non-polymer NICOTINAMIDE-ADENINE-DINUCLEOTIDE 'C21 H27 N7 O14 P2'
#
# COMPACT_ATOMS: atom_id res chain seq x y z
N GLY A 16 20.84 -7.08 21.30
CA GLY A 16 21.74 -7.97 22.13
C GLY A 16 22.00 -9.32 21.46
N ILE A 17 23.09 -9.43 20.71
CA ILE A 17 23.33 -10.59 19.83
C ILE A 17 24.71 -11.21 19.92
N ARG A 18 25.42 -10.91 21.00
CA ARG A 18 26.60 -11.64 21.44
C ARG A 18 26.29 -13.14 21.46
N ASP A 19 27.09 -13.94 20.73
CA ASP A 19 26.98 -15.41 20.73
C ASP A 19 25.79 -16.04 19.96
N LYS A 20 24.94 -15.26 19.31
CA LYS A 20 23.91 -15.84 18.46
C LYS A 20 24.54 -16.48 17.22
N GLY A 21 23.93 -17.56 16.74
CA GLY A 21 24.33 -18.16 15.48
C GLY A 21 23.63 -17.47 14.29
N VAL A 22 24.43 -17.06 13.32
CA VAL A 22 23.94 -16.35 12.15
C VAL A 22 24.39 -17.04 10.88
N LEU A 23 23.43 -17.22 9.94
CA LEU A 23 23.75 -17.56 8.54
C LEU A 23 23.34 -16.44 7.60
N VAL A 24 24.27 -16.01 6.73
CA VAL A 24 23.94 -15.00 5.72
C VAL A 24 24.22 -15.60 4.36
N LEU A 25 23.19 -15.60 3.50
CA LEU A 25 23.32 -16.13 2.14
C LEU A 25 23.80 -15.06 1.16
N ALA A 26 24.45 -15.51 0.06
CA ALA A 26 25.05 -14.65 -0.98
C ALA A 26 25.81 -13.50 -0.36
N ALA A 27 26.77 -13.85 0.50
CA ALA A 27 27.40 -12.86 1.39
C ALA A 27 28.90 -12.73 1.26
N SER A 28 29.46 -13.06 0.10
CA SER A 28 30.89 -12.89 -0.14
C SER A 28 31.18 -11.43 -0.51
N ARG A 29 30.19 -10.82 -1.17
CA ARG A 29 30.26 -9.43 -1.61
C ARG A 29 28.94 -8.72 -1.34
N GLY A 30 28.97 -7.40 -1.53
CA GLY A 30 27.81 -6.57 -1.48
C GLY A 30 27.17 -6.46 -0.11
N ILE A 31 25.85 -6.30 -0.14
CA ILE A 31 25.04 -6.10 1.07
C ILE A 31 25.17 -7.26 2.05
N GLY A 32 25.11 -8.47 1.52
CA GLY A 32 25.20 -9.64 2.37
C GLY A 32 26.51 -9.64 3.12
N ARG A 33 27.58 -9.24 2.43
CA ARG A 33 28.87 -9.17 3.05
C ARG A 33 28.86 -8.15 4.18
N ALA A 34 28.29 -7.00 3.92
CA ALA A 34 28.27 -5.95 4.87
C ALA A 34 27.49 -6.40 6.10
N VAL A 35 26.39 -7.14 5.88
CA VAL A 35 25.58 -7.65 7.02
C VAL A 35 26.36 -8.64 7.90
N ALA A 36 27.10 -9.52 7.26
CA ALA A 36 27.96 -10.44 7.96
C ALA A 36 28.99 -9.70 8.80
N ASP A 37 29.59 -8.67 8.21
CA ASP A 37 30.61 -7.88 8.89
C ASP A 37 30.10 -7.24 10.16
N VAL A 38 28.87 -6.70 10.12
CA VAL A 38 28.35 -5.93 11.27
C VAL A 38 28.10 -6.87 12.41
N LEU A 39 27.29 -7.87 12.10
CA LEU A 39 26.93 -8.90 13.06
C LEU A 39 28.15 -9.53 13.74
N SER A 40 29.22 -9.73 12.97
CA SER A 40 30.51 -10.18 13.51
C SER A 40 31.08 -9.23 14.52
N GLN A 41 31.02 -7.94 14.19
CA GLN A 41 31.55 -6.91 15.10
C GLN A 41 30.71 -6.75 16.35
N GLU A 42 29.47 -7.17 16.31
CA GLU A 42 28.62 -7.15 17.47
C GLU A 42 28.63 -8.50 18.19
N GLY A 43 29.57 -9.37 17.84
CA GLY A 43 29.81 -10.62 18.59
C GLY A 43 29.03 -11.88 18.23
N ALA A 44 28.27 -11.86 17.15
CA ALA A 44 27.57 -13.07 16.72
C ALA A 44 28.58 -14.02 16.07
N GLU A 45 28.26 -15.30 16.08
CA GLU A 45 29.08 -16.26 15.39
C GLU A 45 28.38 -16.46 14.01
N VAL A 46 29.01 -15.94 12.97
CA VAL A 46 28.45 -15.80 11.63
C VAL A 46 29.08 -16.74 10.62
N THR A 47 28.24 -17.44 9.87
CA THR A 47 28.67 -18.17 8.68
C THR A 47 28.06 -17.51 7.46
N ILE A 48 28.86 -17.37 6.42
CA ILE A 48 28.41 -16.84 5.14
C ILE A 48 28.44 -17.96 4.14
N CYS A 49 27.69 -17.82 3.07
CA CYS A 49 27.83 -18.77 2.02
C CYS A 49 27.57 -18.14 0.66
N ALA A 50 28.25 -18.68 -0.36
CA ALA A 50 28.26 -18.17 -1.71
C ALA A 50 28.93 -19.17 -2.65
N ARG A 51 28.91 -18.88 -3.95
CA ARG A 51 29.53 -19.76 -4.95
C ARG A 51 31.06 -19.67 -4.98
N ASN A 52 31.60 -18.48 -4.83
CA ASN A 52 33.03 -18.26 -5.08
C ASN A 52 33.94 -18.58 -3.89
N GLU A 53 34.62 -19.71 -3.90
CA GLU A 53 35.42 -20.10 -2.71
C GLU A 53 36.54 -19.11 -2.41
N GLU A 54 37.16 -18.58 -3.46
CA GLU A 54 38.33 -17.73 -3.28
C GLU A 54 37.98 -16.45 -2.57
N LEU A 55 36.86 -15.87 -2.99
CA LEU A 55 36.31 -14.71 -2.32
C LEU A 55 35.98 -15.04 -0.87
N LEU A 56 35.42 -16.22 -0.63
CA LEU A 56 35.07 -16.64 0.72
C LEU A 56 36.30 -16.84 1.64
N LYS A 57 37.34 -17.51 1.15
CA LYS A 57 38.61 -17.64 1.93
C LYS A 57 39.16 -16.27 2.35
N ARG A 58 39.04 -15.30 1.46
CA ARG A 58 39.56 -13.96 1.72
C ARG A 58 38.69 -13.13 2.64
N SER A 59 37.42 -13.52 2.80
CA SER A 59 36.47 -12.73 3.60
C SER A 59 36.82 -12.65 5.09
N GLY A 60 37.59 -13.59 5.60
CA GLY A 60 37.83 -13.67 7.04
C GLY A 60 36.70 -14.26 7.89
N HIS A 61 35.61 -14.73 7.27
CA HIS A 61 34.48 -15.35 7.99
C HIS A 61 34.46 -16.86 7.87
N ARG A 62 33.70 -17.50 8.74
CA ARG A 62 33.31 -18.89 8.56
C ARG A 62 32.44 -18.95 7.31
N TYR A 63 32.72 -19.91 6.44
CA TYR A 63 32.08 -19.98 5.15
C TYR A 63 31.73 -21.39 4.72
N VAL A 64 30.72 -21.50 3.84
CA VAL A 64 30.38 -22.72 3.12
C VAL A 64 30.19 -22.34 1.68
N VAL A 65 30.71 -23.15 0.79
CA VAL A 65 30.58 -22.93 -0.64
C VAL A 65 29.27 -23.65 -1.00
N CYS A 66 28.31 -22.96 -1.59
CA CYS A 66 26.99 -23.53 -1.60
C CYS A 66 26.25 -23.03 -2.85
N ASP A 67 26.22 -23.86 -3.90
CA ASP A 67 25.30 -23.59 -5.01
C ASP A 67 23.98 -24.18 -4.58
N LEU A 68 23.01 -23.29 -4.43
CA LEU A 68 21.77 -23.61 -3.75
C LEU A 68 20.86 -24.46 -4.65
N ARG A 69 20.95 -24.29 -5.98
CA ARG A 69 20.21 -25.16 -6.86
C ARG A 69 20.66 -26.58 -6.59
N LYS A 70 21.95 -26.83 -6.76
CA LYS A 70 22.46 -28.21 -6.76
C LYS A 70 22.47 -28.86 -5.36
N ASP A 71 22.94 -28.17 -4.32
CA ASP A 71 23.43 -28.88 -3.13
C ASP A 71 23.02 -28.29 -1.77
N LEU A 72 21.72 -28.18 -1.49
CA LEU A 72 21.29 -27.67 -0.18
C LEU A 72 21.65 -28.53 1.03
N ASP A 73 21.75 -29.83 0.88
CA ASP A 73 22.04 -30.70 2.03
C ASP A 73 23.48 -30.50 2.58
N LEU A 74 24.38 -29.98 1.74
CA LEU A 74 25.72 -29.65 2.17
C LEU A 74 25.65 -28.47 3.15
N LEU A 75 24.87 -27.43 2.81
CA LEU A 75 24.60 -26.31 3.69
C LEU A 75 24.00 -26.76 5.02
N PHE A 76 22.98 -27.61 4.99
CA PHE A 76 22.31 -28.03 6.21
C PHE A 76 23.20 -28.89 7.07
N GLU A 77 24.09 -29.65 6.43
CA GLU A 77 25.08 -30.49 7.15
C GLU A 77 26.15 -29.64 7.84
N LYS A 78 26.70 -28.65 7.14
CA LYS A 78 27.85 -27.90 7.67
C LYS A 78 27.38 -26.75 8.58
N VAL A 79 26.13 -26.33 8.45
CA VAL A 79 25.56 -25.31 9.36
C VAL A 79 24.24 -25.86 9.92
N LYS A 80 24.32 -26.26 11.18
CA LYS A 80 23.35 -27.14 11.77
C LYS A 80 22.14 -26.38 12.25
N GLU A 81 22.40 -25.40 13.12
CA GLU A 81 21.32 -24.61 13.77
C GLU A 81 21.75 -23.16 13.76
N VAL A 82 20.77 -22.27 13.93
CA VAL A 82 20.94 -20.89 13.60
C VAL A 82 19.82 -20.11 14.28
N ASP A 83 20.20 -19.10 15.05
CA ASP A 83 19.26 -18.20 15.68
C ASP A 83 18.76 -17.08 14.72
N ILE A 84 19.60 -16.68 13.77
CA ILE A 84 19.33 -15.57 12.91
C ILE A 84 19.69 -15.96 11.46
N LEU A 85 18.75 -15.73 10.55
CA LEU A 85 18.86 -16.19 9.19
C LEU A 85 18.61 -15.02 8.28
N VAL A 86 19.58 -14.64 7.48
CA VAL A 86 19.40 -13.57 6.54
C VAL A 86 19.38 -14.14 5.12
N LEU A 87 18.25 -14.01 4.45
CA LEU A 87 18.07 -14.56 3.10
C LEU A 87 18.44 -13.50 2.11
N ASN A 88 19.18 -13.90 1.10
CA ASN A 88 19.75 -12.94 0.16
C ASN A 88 20.13 -13.73 -1.06
N ALA A 89 20.09 -13.10 -2.24
CA ALA A 89 20.46 -13.80 -3.49
C ALA A 89 21.06 -12.85 -4.49
N GLY A 90 21.68 -13.38 -5.55
CA GLY A 90 22.03 -12.56 -6.72
C GLY A 90 20.76 -12.08 -7.43
N GLY A 91 20.87 -10.98 -8.17
CA GLY A 91 19.72 -10.42 -8.90
C GLY A 91 19.60 -11.14 -10.24
N PRO A 92 18.39 -11.57 -10.61
CA PRO A 92 18.19 -12.32 -11.86
C PRO A 92 18.19 -11.42 -13.10
N LYS A 93 17.90 -12.01 -14.26
CA LYS A 93 18.03 -11.32 -15.54
C LYS A 93 17.04 -10.17 -15.67
N ALA A 94 17.54 -9.02 -16.10
CA ALA A 94 16.73 -7.86 -16.48
C ALA A 94 16.36 -7.89 -17.97
N GLY A 95 15.21 -7.35 -18.32
CA GLY A 95 14.76 -7.43 -19.69
C GLY A 95 13.30 -7.09 -19.86
N PHE A 96 12.92 -6.76 -21.07
CA PHE A 96 11.52 -6.56 -21.38
C PHE A 96 10.92 -7.89 -21.79
N PHE A 97 9.63 -7.93 -21.88
CA PHE A 97 8.91 -9.21 -21.95
C PHE A 97 9.34 -10.11 -23.11
N ASP A 98 9.57 -9.54 -24.29
CA ASP A 98 9.99 -10.33 -25.47
C ASP A 98 11.39 -10.86 -25.42
N GLU A 99 12.23 -10.30 -24.56
CA GLU A 99 13.59 -10.82 -24.41
C GLU A 99 13.76 -11.69 -23.15
N LEU A 100 12.65 -12.20 -22.58
CA LEU A 100 12.69 -13.09 -21.42
C LEU A 100 11.99 -14.39 -21.77
N THR A 101 12.53 -15.53 -21.33
CA THR A 101 11.97 -16.84 -21.63
C THR A 101 11.23 -17.36 -20.42
N ASN A 102 10.49 -18.45 -20.61
CA ASN A 102 9.84 -19.16 -19.53
C ASN A 102 10.89 -19.67 -18.52
N GLU A 103 12.05 -20.07 -19.03
CA GLU A 103 13.17 -20.49 -18.19
C GLU A 103 13.67 -19.36 -17.27
N ASP A 104 13.67 -18.12 -17.76
CA ASP A 104 14.11 -17.00 -16.94
C ASP A 104 13.22 -16.75 -15.72
N PHE A 105 11.90 -16.82 -15.91
CA PHE A 105 10.91 -16.75 -14.81
C PHE A 105 11.02 -17.96 -13.86
N LYS A 106 11.26 -19.13 -14.42
CA LYS A 106 11.34 -20.33 -13.62
C LYS A 106 12.56 -20.28 -12.73
N GLU A 107 13.71 -19.89 -13.26
CA GLU A 107 14.96 -19.83 -12.52
C GLU A 107 14.86 -18.82 -11.39
N ALA A 108 14.23 -17.70 -11.68
CA ALA A 108 14.09 -16.68 -10.69
C ALA A 108 13.20 -17.15 -9.54
N ILE A 109 12.09 -17.82 -9.85
CA ILE A 109 11.19 -18.35 -8.85
C ILE A 109 11.87 -19.41 -7.99
N ASP A 110 12.60 -20.32 -8.61
CA ASP A 110 13.33 -21.36 -7.88
C ASP A 110 14.34 -20.78 -6.89
N SER A 111 15.12 -19.83 -7.36
CA SER A 111 16.25 -19.39 -6.59
C SER A 111 15.84 -18.30 -5.62
N LEU A 112 14.96 -17.38 -6.03
CA LEU A 112 14.45 -16.30 -5.11
C LEU A 112 13.24 -16.66 -4.24
N PHE A 113 12.57 -17.77 -4.52
CA PHE A 113 11.40 -18.09 -3.74
C PHE A 113 11.45 -19.52 -3.18
N LEU A 114 11.31 -20.53 -4.04
CA LEU A 114 11.19 -21.89 -3.58
C LEU A 114 12.42 -22.38 -2.79
N ASN A 115 13.63 -22.07 -3.21
CA ASN A 115 14.83 -22.48 -2.43
C ASN A 115 14.92 -21.82 -1.08
N MET A 116 14.35 -20.63 -0.96
CA MET A 116 14.35 -19.87 0.29
C MET A 116 13.39 -20.49 1.32
N ILE A 117 12.24 -20.95 0.84
CA ILE A 117 11.26 -21.69 1.63
C ILE A 117 11.86 -22.94 2.20
N LYS A 118 12.60 -23.68 1.37
CA LYS A 118 13.35 -24.86 1.84
C LYS A 118 14.31 -24.52 3.02
N ILE A 119 15.00 -23.39 2.90
CA ILE A 119 15.97 -23.02 3.90
C ILE A 119 15.32 -22.61 5.22
N VAL A 120 14.22 -21.87 5.12
CA VAL A 120 13.43 -21.52 6.31
C VAL A 120 12.95 -22.77 7.01
N ARG A 121 12.23 -23.59 6.23
CA ARG A 121 11.73 -24.87 6.72
C ARG A 121 12.82 -25.63 7.51
N ASN A 122 14.07 -25.58 7.05
CA ASN A 122 15.17 -26.29 7.75
C ASN A 122 15.53 -25.75 9.10
N TYR A 123 15.68 -24.43 9.20
CA TYR A 123 16.25 -23.78 10.38
C TYR A 123 15.22 -23.26 11.36
N LEU A 124 13.95 -23.26 10.94
CA LEU A 124 12.85 -22.84 11.77
C LEU A 124 12.59 -23.67 13.04
N PRO A 125 12.57 -25.00 12.97
CA PRO A 125 12.30 -25.79 14.17
C PRO A 125 13.19 -25.51 15.39
N ALA A 126 14.50 -25.32 15.19
CA ALA A 126 15.36 -25.00 16.32
C ALA A 126 15.08 -23.61 16.94
N MET A 127 14.67 -22.65 16.13
CA MET A 127 14.22 -21.37 16.66
C MET A 127 12.95 -21.50 17.51
N LYS A 128 11.96 -22.28 17.06
CA LYS A 128 10.77 -22.54 17.86
C LYS A 128 11.12 -23.16 19.19
N GLU A 129 11.97 -24.18 19.15
CA GLU A 129 12.39 -24.92 20.36
C GLU A 129 13.07 -23.95 21.37
N LYS A 130 13.83 -22.96 20.89
CA LYS A 130 14.45 -21.96 21.74
C LYS A 130 13.55 -20.81 22.17
N GLY A 131 12.41 -20.66 21.54
CA GLY A 131 11.51 -19.53 21.84
C GLY A 131 11.98 -18.18 21.37
N TRP A 132 13.01 -18.14 20.52
CA TRP A 132 13.53 -16.89 19.95
C TRP A 132 14.05 -17.11 18.53
N GLY A 133 13.87 -16.13 17.63
CA GLY A 133 14.45 -16.25 16.32
C GLY A 133 14.39 -14.98 15.55
N ARG A 134 15.09 -14.95 14.41
CA ARG A 134 15.01 -13.82 13.46
C ARG A 134 15.16 -14.35 12.04
N ILE A 135 14.16 -14.03 11.19
CA ILE A 135 14.32 -14.16 9.72
C ILE A 135 14.28 -12.77 9.06
N VAL A 136 15.24 -12.47 8.20
CA VAL A 136 15.27 -11.22 7.46
C VAL A 136 15.60 -11.52 6.01
N ALA A 137 14.73 -11.11 5.10
CA ALA A 137 14.96 -11.29 3.70
C ALA A 137 15.38 -9.98 3.11
N ILE A 138 16.50 -9.98 2.43
CA ILE A 138 16.87 -8.80 1.65
C ILE A 138 16.18 -8.89 0.29
N THR A 139 15.34 -7.92 -0.02
CA THR A 139 14.61 -7.93 -1.27
C THR A 139 15.04 -6.71 -2.07
N SER A 140 14.08 -5.83 -2.41
CA SER A 140 14.35 -4.62 -3.20
C SER A 140 13.22 -3.61 -3.06
N PHE A 141 13.55 -2.33 -3.20
CA PHE A 141 12.53 -1.29 -3.15
C PHE A 141 11.63 -1.38 -4.41
N SER A 142 12.15 -2.05 -5.44
CA SER A 142 11.41 -2.40 -6.64
C SER A 142 10.16 -3.21 -6.30
N VAL A 143 10.08 -3.76 -5.10
CA VAL A 143 8.88 -4.45 -4.68
C VAL A 143 7.67 -3.52 -4.54
N ILE A 144 7.85 -2.30 -4.02
CA ILE A 144 6.75 -1.34 -3.94
C ILE A 144 6.81 -0.27 -5.00
N SER A 145 7.95 -0.21 -5.72
CA SER A 145 8.14 0.75 -6.82
C SER A 145 8.79 0.05 -7.98
N PRO A 146 8.09 -0.94 -8.54
CA PRO A 146 8.57 -1.77 -9.64
C PRO A 146 9.21 -1.04 -10.83
N ILE A 147 10.45 -1.45 -11.13
CA ILE A 147 11.24 -1.01 -12.26
C ILE A 147 10.86 -1.77 -13.55
N GLU A 148 10.83 -1.07 -14.68
CA GLU A 148 9.99 -1.52 -15.82
C GLU A 148 10.48 -2.80 -16.48
N ASN A 149 11.77 -3.08 -16.32
CA ASN A 149 12.39 -4.25 -16.92
C ASN A 149 12.87 -5.33 -15.93
N LEU A 150 12.32 -5.34 -14.72
CA LEU A 150 12.70 -6.36 -13.73
C LEU A 150 11.54 -7.31 -13.45
N TYR A 151 10.89 -7.78 -14.51
CA TYR A 151 9.77 -8.71 -14.44
C TYR A 151 10.01 -9.93 -13.58
N THR A 152 11.21 -10.53 -13.71
CA THR A 152 11.57 -11.77 -13.00
C THR A 152 11.68 -11.59 -11.51
N SER A 153 12.39 -10.56 -11.11
CA SER A 153 12.70 -10.37 -9.67
C SER A 153 11.54 -9.65 -9.00
N ASN A 154 10.88 -8.75 -9.74
CA ASN A 154 9.67 -8.09 -9.19
C ASN A 154 8.71 -9.17 -8.69
N SER A 155 8.26 -10.03 -9.61
CA SER A 155 7.28 -11.04 -9.27
C SER A 155 7.76 -12.09 -8.27
N ALA A 156 9.01 -12.54 -8.40
CA ALA A 156 9.65 -13.48 -7.42
C ALA A 156 9.85 -12.91 -6.03
N ARG A 157 10.22 -11.63 -5.91
CA ARG A 157 10.30 -11.00 -4.58
C ARG A 157 8.93 -10.70 -3.96
N MET A 158 7.91 -10.48 -4.78
CA MET A 158 6.53 -10.33 -4.28
C MET A 158 6.02 -11.66 -3.70
N ALA A 159 6.40 -12.71 -4.38
CA ALA A 159 6.14 -14.06 -3.97
C ALA A 159 6.68 -14.31 -2.59
N LEU A 160 7.99 -14.10 -2.43
CA LEU A 160 8.70 -14.33 -1.13
C LEU A 160 8.15 -13.43 -0.06
N THR A 161 7.91 -12.18 -0.42
CA THR A 161 7.37 -11.20 0.53
C THR A 161 5.99 -11.63 1.03
N GLY A 162 5.15 -12.12 0.13
CA GLY A 162 3.87 -12.71 0.55
C GLY A 162 4.04 -13.93 1.47
N PHE A 163 4.94 -14.84 1.09
CA PHE A 163 5.14 -16.02 1.87
C PHE A 163 5.56 -15.62 3.27
N LEU A 164 6.53 -14.69 3.41
CA LEU A 164 7.06 -14.34 4.72
C LEU A 164 6.03 -13.61 5.56
N LYS A 165 5.18 -12.81 4.93
CA LYS A 165 4.09 -12.15 5.68
C LYS A 165 3.17 -13.23 6.26
N THR A 166 2.82 -14.23 5.47
CA THR A 166 1.82 -15.20 5.94
C THR A 166 2.45 -15.97 7.09
N LEU A 167 3.75 -16.26 6.93
CA LEU A 167 4.59 -16.94 7.93
C LEU A 167 4.61 -16.17 9.21
N SER A 168 4.81 -14.86 9.12
CA SER A 168 5.06 -14.06 10.33
C SER A 168 3.97 -14.21 11.34
N PHE A 169 2.72 -14.40 10.86
CA PHE A 169 1.56 -14.65 11.72
C PHE A 169 1.74 -15.88 12.61
N GLU A 170 2.16 -16.97 12.02
CA GLU A 170 2.23 -18.25 12.66
C GLU A 170 3.42 -18.41 13.69
N VAL A 171 4.52 -17.75 13.40
CA VAL A 171 5.73 -17.91 14.16
C VAL A 171 5.88 -16.84 15.26
N ALA A 172 5.03 -15.84 15.16
CA ALA A 172 5.02 -14.73 16.09
C ALA A 172 4.97 -15.14 17.59
N PRO A 173 4.05 -16.01 17.96
CA PRO A 173 3.95 -16.42 19.32
C PRO A 173 5.21 -17.21 19.82
N TYR A 174 6.07 -17.67 18.92
CA TYR A 174 7.26 -18.43 19.35
C TYR A 174 8.45 -17.54 19.54
N GLY A 175 8.27 -16.23 19.43
CA GLY A 175 9.38 -15.28 19.68
C GLY A 175 10.30 -15.03 18.48
N ILE A 176 9.79 -15.40 17.31
CA ILE A 176 10.51 -15.28 16.05
C ILE A 176 9.87 -14.15 15.25
N THR A 177 10.67 -13.18 14.85
CA THR A 177 10.21 -12.18 13.88
C THR A 177 10.65 -12.49 12.46
N VAL A 178 9.87 -12.00 11.51
CA VAL A 178 10.06 -12.28 10.09
C VAL A 178 9.81 -10.97 9.32
N ASN A 179 10.89 -10.41 8.75
CA ASN A 179 10.85 -9.13 8.08
C ASN A 179 11.70 -9.10 6.80
N CYS A 180 11.42 -8.14 5.95
CA CYS A 180 12.21 -7.88 4.77
C CYS A 180 12.83 -6.52 4.86
N VAL A 181 14.00 -6.36 4.25
CA VAL A 181 14.59 -5.04 4.08
C VAL A 181 14.68 -4.85 2.57
N ALA A 182 14.20 -3.70 2.08
CA ALA A 182 14.06 -3.48 0.64
C ALA A 182 14.96 -2.34 0.22
N PRO A 183 16.23 -2.63 -0.05
CA PRO A 183 17.14 -1.57 -0.28
C PRO A 183 16.85 -0.95 -1.62
N GLY A 184 17.01 0.36 -1.72
CA GLY A 184 17.09 1.05 -3.00
C GLY A 184 18.44 0.88 -3.67
N TRP A 185 18.83 1.83 -4.51
CA TRP A 185 20.08 1.73 -5.22
C TRP A 185 21.28 1.77 -4.25
N THR A 186 22.09 0.73 -4.29
CA THR A 186 23.21 0.58 -3.42
C THR A 186 24.50 0.47 -4.19
N GLU A 187 25.54 1.15 -3.73
CA GLU A 187 26.87 1.13 -4.37
C GLU A 187 27.63 -0.14 -4.06
N THR A 188 27.11 -1.28 -4.53
CA THR A 188 27.87 -2.53 -4.49
C THR A 188 28.77 -2.57 -5.71
N GLU A 189 29.89 -3.27 -5.57
CA GLU A 189 30.81 -3.48 -6.70
C GLU A 189 30.08 -4.05 -7.94
N ARG A 190 29.07 -4.87 -7.72
CA ARG A 190 28.25 -5.36 -8.83
C ARG A 190 27.52 -4.26 -9.58
N VAL A 191 27.05 -3.25 -8.86
CA VAL A 191 26.28 -2.16 -9.48
C VAL A 191 27.23 -1.19 -10.14
N LYS A 192 28.36 -0.92 -9.48
CA LYS A 192 29.46 -0.11 -10.08
C LYS A 192 30.11 -0.79 -11.30
N GLU A 193 29.47 -1.84 -11.82
CA GLU A 193 29.88 -2.46 -13.09
C GLU A 193 28.72 -2.62 -14.07
N LEU A 194 27.52 -2.89 -13.57
CA LEU A 194 26.33 -2.98 -14.43
C LEU A 194 25.97 -1.61 -15.03
N LEU A 195 26.59 -0.53 -14.53
CA LEU A 195 26.21 0.81 -14.96
C LEU A 195 27.37 1.73 -15.33
N SER A 196 27.09 2.54 -16.35
CA SER A 196 27.97 3.59 -16.83
C SER A 196 28.11 4.71 -15.77
N GLU A 197 28.95 5.71 -16.00
CA GLU A 197 28.89 6.87 -15.13
C GLU A 197 27.67 7.70 -15.50
N GLU A 198 27.37 7.83 -16.80
CA GLU A 198 26.19 8.55 -17.30
C GLU A 198 24.91 7.99 -16.68
N LYS A 199 24.74 6.68 -16.71
CA LYS A 199 23.51 6.10 -16.14
C LYS A 199 23.43 6.20 -14.61
N LYS A 200 24.56 6.05 -13.93
CA LYS A 200 24.66 6.17 -12.48
C LYS A 200 24.30 7.59 -12.01
N LYS A 201 24.80 8.63 -12.69
CA LYS A 201 24.41 10.03 -12.44
C LYS A 201 22.92 10.26 -12.64
N GLN A 202 22.37 9.81 -13.76
CA GLN A 202 20.95 10.02 -14.04
C GLN A 202 20.07 9.43 -12.93
N VAL A 203 20.40 8.23 -12.50
CA VAL A 203 19.68 7.57 -11.43
C VAL A 203 19.88 8.30 -10.10
N GLU A 204 21.13 8.65 -9.78
CA GLU A 204 21.51 9.40 -8.57
C GLU A 204 20.76 10.72 -8.41
N SER A 205 20.46 11.34 -9.54
CA SER A 205 19.77 12.61 -9.57
C SER A 205 18.28 12.49 -9.35
N GLN A 206 17.73 11.29 -9.34
CA GLN A 206 16.31 11.13 -9.06
C GLN A 206 16.06 10.62 -7.68
N ILE A 207 17.14 10.33 -6.97
CA ILE A 207 17.06 9.93 -5.58
C ILE A 207 17.13 11.23 -4.83
N PRO A 208 16.09 11.53 -4.03
CA PRO A 208 16.11 12.67 -3.13
C PRO A 208 17.42 12.90 -2.40
N MET A 209 18.05 11.89 -1.79
CA MET A 209 19.35 12.08 -1.10
C MET A 209 20.49 12.30 -2.07
N ARG A 210 20.16 12.22 -3.37
CA ARG A 210 21.08 12.52 -4.48
C ARG A 210 22.32 11.59 -4.49
N ARG A 211 22.14 10.36 -4.00
CA ARG A 211 23.21 9.37 -3.96
C ARG A 211 22.66 7.96 -3.78
N MET A 212 23.54 6.98 -3.98
CA MET A 212 23.23 5.59 -3.65
C MET A 212 23.72 5.28 -2.23
N ALA A 213 23.21 4.21 -1.66
CA ALA A 213 23.58 3.77 -0.32
C ALA A 213 24.99 3.16 -0.25
N LYS A 214 25.77 3.43 0.81
CA LYS A 214 26.93 2.55 1.11
C LYS A 214 26.29 1.25 1.56
N PRO A 215 26.83 0.09 1.22
CA PRO A 215 26.25 -1.14 1.69
C PRO A 215 26.03 -1.21 3.21
N GLU A 216 26.92 -0.64 4.02
CA GLU A 216 26.72 -0.65 5.48
C GLU A 216 25.43 0.09 5.90
N GLU A 217 24.94 1.01 5.08
CA GLU A 217 23.71 1.74 5.39
C GLU A 217 22.43 0.86 5.29
N ILE A 218 22.56 -0.24 4.55
CA ILE A 218 21.51 -1.26 4.42
C ILE A 218 21.70 -2.31 5.49
N ALA A 219 22.94 -2.75 5.60
CA ALA A 219 23.39 -3.62 6.69
C ALA A 219 22.87 -3.15 8.04
N SER A 220 23.04 -1.89 8.43
CA SER A 220 22.65 -1.44 9.78
C SER A 220 21.18 -1.68 10.13
N VAL A 221 20.31 -1.54 9.13
CA VAL A 221 18.84 -1.73 9.29
C VAL A 221 18.55 -3.21 9.54
N VAL A 222 19.17 -4.04 8.72
CA VAL A 222 19.11 -5.47 8.88
C VAL A 222 19.65 -5.83 10.27
N ALA A 223 20.83 -5.30 10.69
CA ALA A 223 21.39 -5.60 12.07
C ALA A 223 20.46 -5.22 13.16
N PHE A 224 19.80 -4.08 13.01
CA PHE A 224 18.75 -3.70 13.98
C PHE A 224 17.57 -4.70 14.09
N LEU A 225 17.00 -5.10 12.97
CA LEU A 225 15.89 -6.07 13.01
C LEU A 225 16.32 -7.40 13.69
N CYS A 226 17.59 -7.80 13.48
CA CYS A 226 18.21 -8.96 14.17
C CYS A 226 18.47 -8.84 15.71
N SER A 227 18.46 -7.63 16.24
CA SER A 227 18.72 -7.42 17.64
C SER A 227 17.50 -7.64 18.47
N GLU A 228 17.72 -7.73 19.80
CA GLU A 228 16.67 -8.04 20.80
C GLU A 228 15.74 -6.85 20.95
N LYS A 229 16.21 -5.68 20.51
CA LYS A 229 15.41 -4.46 20.54
C LYS A 229 14.26 -4.46 19.51
N ALA A 230 14.32 -5.30 18.47
CA ALA A 230 13.27 -5.27 17.42
C ALA A 230 12.20 -6.29 17.68
N SER A 231 11.96 -6.58 18.96
CA SER A 231 11.20 -7.73 19.34
C SER A 231 9.73 -7.58 19.06
N TYR A 232 9.23 -6.36 18.89
CA TYR A 232 7.81 -6.19 18.61
C TYR A 232 7.51 -5.87 17.15
N LEU A 233 8.50 -6.06 16.28
CA LEU A 233 8.43 -5.67 14.86
C LEU A 233 8.52 -6.90 13.98
N THR A 234 7.40 -7.25 13.38
CA THR A 234 7.38 -8.38 12.49
C THR A 234 6.32 -8.22 11.40
N GLY A 235 6.49 -8.98 10.32
CA GLY A 235 5.59 -8.90 9.19
C GLY A 235 5.74 -7.64 8.39
N GLN A 236 6.91 -7.01 8.39
CA GLN A 236 7.10 -5.74 7.71
C GLN A 236 8.19 -5.81 6.68
N THR A 237 8.07 -4.95 5.66
CA THR A 237 9.12 -4.64 4.68
C THR A 237 9.66 -3.24 4.94
N ILE A 238 10.87 -3.11 5.46
CA ILE A 238 11.46 -1.78 5.62
C ILE A 238 12.20 -1.32 4.36
N VAL A 239 11.71 -0.26 3.75
CA VAL A 239 12.31 0.24 2.52
C VAL A 239 13.39 1.23 2.89
N VAL A 240 14.62 0.99 2.43
CA VAL A 240 15.78 1.83 2.74
C VAL A 240 16.32 2.35 1.42
N ASP A 241 15.78 3.47 0.94
CA ASP A 241 16.02 3.84 -0.46
C ASP A 241 16.26 5.28 -0.72
N GLY A 242 16.68 6.02 0.31
CA GLY A 242 17.06 7.42 0.11
C GLY A 242 15.90 8.33 -0.16
N GLY A 243 14.67 7.81 -0.13
CA GLY A 243 13.45 8.57 -0.33
C GLY A 243 12.84 8.43 -1.73
N LEU A 244 13.31 7.44 -2.48
CA LEU A 244 13.00 7.26 -3.90
C LEU A 244 11.56 6.86 -4.19
N SER A 245 11.10 5.78 -3.54
CA SER A 245 9.73 5.32 -3.78
C SER A 245 8.77 6.30 -3.19
N LYS A 246 7.65 6.46 -3.92
CA LYS A 246 6.64 7.48 -3.68
C LYS A 246 5.49 7.03 -2.74
N PHE A 247 5.32 5.73 -2.54
CA PHE A 247 4.23 5.21 -1.74
C PHE A 247 4.26 5.75 -0.28
N PRO A 248 3.19 6.44 0.16
CA PRO A 248 3.17 7.22 1.38
C PRO A 248 2.95 6.50 2.73
N LEU A 249 2.53 5.26 2.68
CA LEU A 249 2.22 4.54 3.90
C LEU A 249 3.11 3.30 3.94
N GLY B 16 24.80 7.19 16.33
CA GLY B 16 25.72 8.11 17.07
C GLY B 16 25.09 9.45 17.44
N ILE B 17 24.60 9.60 18.67
CA ILE B 17 23.83 10.78 19.04
C ILE B 17 24.19 11.41 20.38
N ARG B 18 25.39 11.13 20.89
CA ARG B 18 25.93 11.90 22.03
C ARG B 18 25.96 13.40 21.65
N ASP B 19 25.37 14.19 22.54
CA ASP B 19 25.39 15.65 22.43
C ASP B 19 24.49 16.27 21.36
N LYS B 20 23.66 15.50 20.67
CA LYS B 20 22.66 16.12 19.80
C LYS B 20 21.48 16.65 20.60
N GLY B 21 20.93 17.77 20.17
CA GLY B 21 19.78 18.37 20.84
C GLY B 21 18.49 17.68 20.41
N VAL B 22 17.67 17.30 21.38
CA VAL B 22 16.45 16.55 21.11
C VAL B 22 15.23 17.15 21.81
N LEU B 23 14.15 17.27 21.06
CA LEU B 23 12.87 17.63 21.64
C LEU B 23 11.88 16.53 21.39
N VAL B 24 11.16 16.12 22.44
CA VAL B 24 10.13 15.11 22.34
C VAL B 24 8.85 15.70 22.86
N LEU B 25 7.80 15.65 22.05
CA LEU B 25 6.48 16.19 22.45
C LEU B 25 5.63 15.15 23.18
N ALA B 26 4.66 15.62 23.99
CA ALA B 26 3.75 14.74 24.72
C ALA B 26 4.54 13.58 25.37
N ALA B 27 5.55 13.97 26.15
CA ALA B 27 6.55 13.03 26.56
C ALA B 27 6.76 12.91 28.06
N SER B 28 5.76 13.23 28.88
CA SER B 28 5.86 13.05 30.37
C SER B 28 5.49 11.62 30.74
N ARG B 29 4.64 11.00 29.90
CA ARG B 29 4.20 9.61 30.06
C ARG B 29 4.26 8.85 28.74
N GLY B 30 4.03 7.55 28.83
CA GLY B 30 3.86 6.69 27.68
C GLY B 30 5.07 6.53 26.76
N ILE B 31 4.77 6.47 25.48
CA ILE B 31 5.79 6.23 24.47
C ILE B 31 6.78 7.38 24.38
N GLY B 32 6.27 8.60 24.41
CA GLY B 32 7.13 9.80 24.34
C GLY B 32 8.08 9.85 25.55
N ARG B 33 7.61 9.39 26.68
CA ARG B 33 8.47 9.32 27.83
C ARG B 33 9.59 8.33 27.57
N ALA B 34 9.24 7.16 27.03
CA ALA B 34 10.23 6.12 26.83
C ALA B 34 11.29 6.58 25.85
N VAL B 35 10.88 7.30 24.82
CA VAL B 35 11.77 7.81 23.78
C VAL B 35 12.77 8.80 24.38
N ALA B 36 12.28 9.67 25.25
CA ALA B 36 13.12 10.62 25.94
C ALA B 36 14.14 9.90 26.80
N ASP B 37 13.69 8.86 27.50
CA ASP B 37 14.58 8.09 28.38
C ASP B 37 15.73 7.43 27.64
N VAL B 38 15.43 6.86 26.48
CA VAL B 38 16.45 6.15 25.70
C VAL B 38 17.51 7.15 25.22
N LEU B 39 17.06 8.12 24.46
CA LEU B 39 17.95 9.10 23.91
C LEU B 39 18.79 9.77 25.02
N SER B 40 18.24 9.99 26.20
CA SER B 40 19.03 10.45 27.34
C SER B 40 20.17 9.49 27.76
N GLN B 41 19.87 8.20 27.77
CA GLN B 41 20.84 7.17 28.07
C GLN B 41 21.91 7.07 27.01
N GLU B 42 21.58 7.44 25.78
CA GLU B 42 22.59 7.46 24.71
C GLU B 42 23.27 8.79 24.56
N GLY B 43 23.09 9.67 25.53
CA GLY B 43 23.90 10.86 25.63
C GLY B 43 23.41 12.10 24.94
N ALA B 44 22.17 12.06 24.44
CA ALA B 44 21.54 13.25 23.82
C ALA B 44 21.03 14.22 24.88
N GLU B 45 21.04 15.53 24.56
CA GLU B 45 20.47 16.59 25.41
C GLU B 45 18.98 16.72 25.15
N VAL B 46 18.16 16.19 26.05
CA VAL B 46 16.74 15.96 25.77
C VAL B 46 15.87 16.95 26.50
N THR B 47 15.00 17.64 25.78
CA THR B 47 13.93 18.39 26.41
C THR B 47 12.63 17.70 26.03
N ILE B 48 11.73 17.57 27.00
CA ILE B 48 10.40 17.07 26.81
C ILE B 48 9.41 18.22 27.01
N CYS B 49 8.21 18.03 26.54
CA CYS B 49 7.17 18.97 26.87
C CYS B 49 5.81 18.28 26.93
N ALA B 50 4.91 18.86 27.73
CA ALA B 50 3.55 18.34 27.95
C ALA B 50 2.74 19.33 28.80
N ARG B 51 1.49 19.02 29.09
CA ARG B 51 0.62 19.89 29.87
C ARG B 51 0.92 19.84 31.36
N ASN B 52 1.15 18.65 31.92
CA ASN B 52 1.22 18.54 33.38
C ASN B 52 2.59 18.83 33.99
N GLU B 53 2.71 19.95 34.67
CA GLU B 53 3.99 20.41 35.16
C GLU B 53 4.54 19.53 36.30
N GLU B 54 3.66 18.98 37.12
CA GLU B 54 4.12 18.18 38.21
C GLU B 54 4.66 16.86 37.72
N LEU B 55 4.04 16.27 36.70
CA LEU B 55 4.61 15.09 36.07
C LEU B 55 5.98 15.42 35.50
N LEU B 56 6.10 16.59 34.92
CA LEU B 56 7.32 17.00 34.21
C LEU B 56 8.48 17.21 35.15
N LYS B 57 8.24 17.86 36.28
CA LYS B 57 9.22 18.01 37.37
C LYS B 57 9.75 16.67 37.89
N ARG B 58 8.86 15.68 37.97
CA ARG B 58 9.25 14.36 38.45
C ARG B 58 9.92 13.49 37.41
N SER B 59 9.86 13.88 36.14
CA SER B 59 10.42 13.05 35.06
C SER B 59 11.95 12.97 34.99
N GLY B 60 12.64 13.86 35.70
CA GLY B 60 14.10 13.86 35.66
C GLY B 60 14.72 14.48 34.42
N HIS B 61 13.89 14.99 33.50
CA HIS B 61 14.33 15.62 32.25
C HIS B 61 14.21 17.15 32.21
N ARG B 62 14.93 17.78 31.30
CA ARG B 62 14.69 19.17 30.92
C ARG B 62 13.29 19.22 30.36
N TYR B 63 12.50 20.19 30.78
CA TYR B 63 11.11 20.28 30.33
C TYR B 63 10.58 21.69 30.08
N VAL B 64 9.53 21.76 29.27
CA VAL B 64 8.75 23.00 29.05
C VAL B 64 7.31 22.61 29.13
N VAL B 65 6.50 23.41 29.81
CA VAL B 65 5.06 23.17 29.81
C VAL B 65 4.52 23.70 28.49
N CYS B 66 3.85 22.86 27.70
CA CYS B 66 3.38 23.22 26.35
C CYS B 66 2.06 22.50 25.95
N ASP B 67 1.16 23.18 25.26
CA ASP B 67 -0.13 22.59 24.86
C ASP B 67 -0.37 22.59 23.35
N LEU B 68 -0.53 21.41 22.77
CA LEU B 68 -0.61 21.28 21.32
C LEU B 68 -2.02 21.56 20.71
N ARG B 69 -3.00 21.85 21.58
CA ARG B 69 -4.23 22.49 21.16
C ARG B 69 -4.14 24.00 21.22
N LYS B 70 -2.98 24.60 21.50
CA LYS B 70 -2.97 26.07 21.56
C LYS B 70 -1.66 26.71 21.07
N ASP B 71 -1.21 27.80 21.69
CA ASP B 71 -0.02 28.55 21.24
C ASP B 71 1.30 27.82 21.50
N LEU B 72 2.29 27.98 20.62
CA LEU B 72 3.55 27.28 20.74
C LEU B 72 4.78 28.16 20.93
N ASP B 73 4.56 29.45 21.18
CA ASP B 73 5.65 30.46 21.14
C ASP B 73 6.63 30.30 22.31
N LEU B 74 6.06 29.97 23.46
CA LEU B 74 6.81 29.64 24.67
C LEU B 74 7.81 28.51 24.38
N LEU B 75 7.31 27.49 23.70
CA LEU B 75 8.14 26.36 23.28
C LEU B 75 9.34 26.81 22.43
N PHE B 76 9.10 27.68 21.47
CA PHE B 76 10.14 28.12 20.55
C PHE B 76 11.17 28.99 21.26
N GLU B 77 10.70 29.75 22.25
CA GLU B 77 11.61 30.59 23.04
C GLU B 77 12.46 29.77 23.99
N LYS B 78 11.89 28.79 24.68
CA LYS B 78 12.62 28.04 25.69
C LYS B 78 13.46 26.92 25.06
N VAL B 79 13.11 26.49 23.85
CA VAL B 79 13.86 25.45 23.09
C VAL B 79 14.20 25.97 21.72
N LYS B 80 15.44 26.38 21.54
CA LYS B 80 15.77 27.30 20.45
C LYS B 80 16.08 26.54 19.16
N GLU B 81 16.95 25.53 19.28
CA GLU B 81 17.42 24.74 18.13
C GLU B 81 17.46 23.28 18.56
N VAL B 82 17.40 22.39 17.58
CA VAL B 82 17.07 21.01 17.83
C VAL B 82 17.58 20.22 16.64
N ASP B 83 18.44 19.19 16.90
CA ASP B 83 18.90 18.27 15.82
C ASP B 83 17.91 17.14 15.51
N ILE B 84 17.14 16.78 16.54
CA ILE B 84 16.27 15.63 16.50
C ILE B 84 14.94 16.00 17.08
N LEU B 85 13.87 15.75 16.32
CA LEU B 85 12.53 16.22 16.67
C LEU B 85 11.54 15.09 16.59
N VAL B 86 10.99 14.70 17.73
CA VAL B 86 10.06 13.58 17.78
C VAL B 86 8.68 14.13 18.04
N LEU B 87 7.82 13.99 17.05
CA LEU B 87 6.45 14.51 17.09
C LEU B 87 5.57 13.46 17.74
N ASN B 88 4.73 13.87 18.67
CA ASN B 88 3.85 12.94 19.37
C ASN B 88 2.69 13.73 19.98
N ALA B 89 1.54 13.12 20.15
CA ALA B 89 0.41 13.81 20.77
C ALA B 89 -0.45 12.85 21.59
N GLY B 90 -1.37 13.38 22.39
CA GLY B 90 -2.44 12.57 22.97
C GLY B 90 -3.42 12.11 21.91
N GLY B 91 -4.14 11.03 22.20
CA GLY B 91 -5.10 10.46 21.23
C GLY B 91 -6.44 11.16 21.32
N PRO B 92 -7.00 11.60 20.20
CA PRO B 92 -8.27 12.33 20.23
C PRO B 92 -9.46 11.42 20.48
N LYS B 93 -10.66 11.99 20.43
CA LYS B 93 -11.86 11.27 20.83
C LYS B 93 -12.19 10.16 19.86
N ALA B 94 -12.53 9.00 20.45
CA ALA B 94 -13.06 7.83 19.75
C ALA B 94 -14.55 7.92 19.64
N GLY B 95 -15.13 7.39 18.58
CA GLY B 95 -16.56 7.45 18.42
C GLY B 95 -17.00 7.07 17.03
N PHE B 96 -18.27 6.68 16.93
CA PHE B 96 -18.86 6.46 15.62
C PHE B 96 -19.40 7.80 15.08
N PHE B 97 -19.78 7.84 13.80
CA PHE B 97 -20.01 9.12 13.09
C PHE B 97 -21.05 10.04 13.70
N ASP B 98 -22.12 9.47 14.19
CA ASP B 98 -23.20 10.27 14.77
C ASP B 98 -22.80 10.85 16.11
N GLU B 99 -21.86 10.23 16.82
CA GLU B 99 -21.43 10.74 18.13
C GLU B 99 -20.12 11.59 18.06
N LEU B 100 -19.85 12.12 16.86
CA LEU B 100 -18.72 13.02 16.64
C LEU B 100 -19.21 14.32 16.00
N THR B 101 -18.69 15.46 16.45
CA THR B 101 -19.10 16.75 15.91
C THR B 101 -18.02 17.31 15.01
N ASN B 102 -18.35 18.37 14.29
CA ASN B 102 -17.38 19.06 13.44
C ASN B 102 -16.22 19.56 14.27
N GLU B 103 -16.51 19.93 15.50
CA GLU B 103 -15.50 20.39 16.42
C GLU B 103 -14.48 19.30 16.75
N ASP B 104 -14.93 18.06 16.89
CA ASP B 104 -14.03 16.94 17.17
C ASP B 104 -13.02 16.77 16.04
N PHE B 105 -13.52 16.85 14.80
CA PHE B 105 -12.66 16.75 13.60
C PHE B 105 -11.72 17.91 13.48
N LYS B 106 -12.19 19.09 13.85
CA LYS B 106 -11.35 20.30 13.77
C LYS B 106 -10.23 20.29 14.81
N GLU B 107 -10.55 19.89 16.03
CA GLU B 107 -9.57 19.87 17.12
C GLU B 107 -8.48 18.84 16.84
N ALA B 108 -8.86 17.71 16.24
CA ALA B 108 -7.91 16.69 15.89
C ALA B 108 -6.95 17.19 14.80
N ILE B 109 -7.52 17.84 13.80
CA ILE B 109 -6.74 18.37 12.69
C ILE B 109 -5.77 19.43 13.16
N ASP B 110 -6.25 20.33 14.01
CA ASP B 110 -5.38 21.38 14.57
C ASP B 110 -4.20 20.80 15.33
N SER B 111 -4.48 19.84 16.18
CA SER B 111 -3.49 19.37 17.12
C SER B 111 -2.58 18.33 16.49
N LEU B 112 -3.15 17.39 15.75
CA LEU B 112 -2.35 16.30 15.17
C LEU B 112 -1.71 16.69 13.83
N PHE B 113 -2.14 17.78 13.22
CA PHE B 113 -1.63 18.11 11.88
C PHE B 113 -1.08 19.53 11.80
N LEU B 114 -1.95 20.54 11.86
CA LEU B 114 -1.52 21.91 11.62
C LEU B 114 -0.49 22.41 12.64
N ASN B 115 -0.65 22.09 13.91
CA ASN B 115 0.32 22.53 14.94
C ASN B 115 1.67 21.82 14.80
N MET B 116 1.65 20.62 14.26
CA MET B 116 2.87 19.87 13.99
C MET B 116 3.66 20.45 12.84
N ILE B 117 2.96 20.91 11.78
CA ILE B 117 3.58 21.60 10.64
C ILE B 117 4.25 22.86 11.11
N LYS B 118 3.57 23.59 12.00
CA LYS B 118 4.16 24.81 12.59
C LYS B 118 5.46 24.55 13.41
N ILE B 119 5.52 23.42 14.10
CA ILE B 119 6.70 23.02 14.90
C ILE B 119 7.87 22.60 14.02
N VAL B 120 7.58 21.86 12.95
CA VAL B 120 8.59 21.49 11.99
C VAL B 120 9.14 22.77 11.32
N ARG B 121 8.24 23.56 10.77
CA ARG B 121 8.57 24.84 10.19
C ARG B 121 9.58 25.57 11.04
N ASN B 122 9.37 25.52 12.34
CA ASN B 122 10.23 26.26 13.26
C ASN B 122 11.69 25.69 13.42
N TYR B 123 11.85 24.36 13.52
CA TYR B 123 13.16 23.75 13.83
C TYR B 123 13.92 23.22 12.63
N LEU B 124 13.23 23.21 11.50
CA LEU B 124 13.82 22.72 10.24
C LEU B 124 15.00 23.59 9.75
N PRO B 125 14.85 24.92 9.72
CA PRO B 125 15.95 25.81 9.25
C PRO B 125 17.34 25.53 9.88
N ALA B 126 17.41 25.30 11.19
CA ALA B 126 18.72 24.99 11.84
C ALA B 126 19.24 23.61 11.49
N MET B 127 18.38 22.67 11.16
CA MET B 127 18.85 21.38 10.65
C MET B 127 19.49 21.52 9.24
N LYS B 128 18.86 22.31 8.36
CA LYS B 128 19.41 22.59 7.04
C LYS B 128 20.77 23.22 7.17
N GLU B 129 20.87 24.19 8.06
CA GLU B 129 22.13 24.92 8.25
C GLU B 129 23.32 24.00 8.66
N LYS B 130 23.02 23.03 9.51
CA LYS B 130 24.02 22.04 9.93
C LYS B 130 24.23 20.86 8.96
N GLY B 131 23.34 20.67 7.97
CA GLY B 131 23.46 19.54 7.04
C GLY B 131 23.18 18.20 7.65
N TRP B 132 22.52 18.17 8.82
CA TRP B 132 22.02 16.94 9.43
C TRP B 132 20.74 17.18 10.20
N GLY B 133 19.84 16.19 10.18
CA GLY B 133 18.67 16.26 11.05
C GLY B 133 17.82 15.00 11.10
N ARG B 134 16.90 14.94 12.05
CA ARG B 134 15.93 13.85 12.10
C ARG B 134 14.56 14.30 12.58
N ILE B 135 13.54 14.01 11.79
CA ILE B 135 12.15 14.19 12.22
C ILE B 135 11.46 12.84 12.26
N VAL B 136 10.87 12.52 13.41
CA VAL B 136 10.14 11.23 13.58
C VAL B 136 8.78 11.49 14.20
N ALA B 137 7.74 11.06 13.52
CA ALA B 137 6.38 11.25 14.02
C ALA B 137 5.90 9.94 14.56
N ILE B 138 5.36 9.97 15.77
CA ILE B 138 4.74 8.77 16.30
C ILE B 138 3.31 8.84 15.94
N THR B 139 2.86 7.89 15.15
CA THR B 139 1.46 7.93 14.66
C THR B 139 0.70 6.72 15.25
N SER B 140 0.20 5.82 14.40
CA SER B 140 -0.51 4.58 14.83
C SER B 140 -0.62 3.51 13.72
N PHE B 141 -0.65 2.23 14.10
CA PHE B 141 -0.85 1.17 13.12
C PHE B 141 -2.27 1.28 12.50
N SER B 142 -3.13 2.00 13.18
CA SER B 142 -4.40 2.34 12.64
C SER B 142 -4.33 3.13 11.32
N VAL B 143 -3.16 3.68 11.00
CA VAL B 143 -3.02 4.35 9.72
C VAL B 143 -3.11 3.39 8.55
N ILE B 144 -2.54 2.18 8.65
CA ILE B 144 -2.69 1.20 7.56
C ILE B 144 -3.79 0.19 7.82
N SER B 145 -4.20 0.07 9.08
CA SER B 145 -5.21 -0.89 9.46
C SER B 145 -6.19 -0.16 10.33
N PRO B 146 -6.97 0.74 9.70
CA PRO B 146 -7.93 1.63 10.41
C PRO B 146 -8.96 0.93 11.31
N ILE B 147 -8.96 1.34 12.58
CA ILE B 147 -9.91 0.89 13.62
C ILE B 147 -11.25 1.66 13.45
N GLU B 148 -12.37 0.98 13.62
CA GLU B 148 -13.64 1.47 13.05
C GLU B 148 -14.24 2.72 13.68
N ASN B 149 -13.85 3.01 14.91
CA ASN B 149 -14.32 4.20 15.61
C ASN B 149 -13.24 5.29 15.87
N LEU B 150 -12.15 5.28 15.11
CA LEU B 150 -11.13 6.30 15.28
C LEU B 150 -11.09 7.26 14.08
N TYR B 151 -12.28 7.72 13.67
CA TYR B 151 -12.44 8.62 12.52
C TYR B 151 -11.53 9.85 12.53
N THR B 152 -11.35 10.45 13.72
CA THR B 152 -10.61 11.71 13.83
C THR B 152 -9.12 11.49 13.78
N SER B 153 -8.62 10.48 14.51
CA SER B 153 -7.18 10.25 14.48
C SER B 153 -6.76 9.57 13.16
N ASN B 154 -7.58 8.65 12.63
CA ASN B 154 -7.23 7.98 11.37
C ASN B 154 -6.94 9.06 10.35
N SER B 155 -7.95 9.88 10.07
CA SER B 155 -7.85 10.91 9.01
C SER B 155 -6.80 12.01 9.27
N ALA B 156 -6.64 12.47 10.52
CA ALA B 156 -5.55 13.43 10.89
C ALA B 156 -4.12 12.83 10.82
N ARG B 157 -3.95 11.58 11.20
CA ARG B 157 -2.66 10.92 11.07
C ARG B 157 -2.34 10.65 9.60
N MET B 158 -3.35 10.39 8.78
CA MET B 158 -3.10 10.23 7.34
C MET B 158 -2.60 11.52 6.73
N ALA B 159 -3.22 12.59 7.19
CA ALA B 159 -2.87 13.92 6.79
C ALA B 159 -1.46 14.25 7.11
N LEU B 160 -1.02 14.03 8.37
CA LEU B 160 0.37 14.28 8.76
C LEU B 160 1.32 13.34 8.00
N THR B 161 0.93 12.09 7.83
CA THR B 161 1.81 11.17 7.10
C THR B 161 2.02 11.65 5.68
N GLY B 162 0.94 12.14 5.07
CA GLY B 162 1.01 12.69 3.74
C GLY B 162 1.88 13.89 3.65
N PHE B 163 1.71 14.77 4.62
CA PHE B 163 2.59 15.91 4.71
C PHE B 163 4.11 15.52 4.88
N LEU B 164 4.42 14.58 5.76
CA LEU B 164 5.83 14.21 6.04
C LEU B 164 6.47 13.46 4.90
N LYS B 165 5.69 12.65 4.20
CA LYS B 165 6.23 12.07 2.95
C LYS B 165 6.60 13.19 1.95
N THR B 166 5.71 14.13 1.71
CA THR B 166 5.99 15.13 0.69
C THR B 166 7.24 15.92 1.10
N LEU B 167 7.36 16.16 2.38
CA LEU B 167 8.50 16.84 2.95
C LEU B 167 9.77 16.09 2.75
N SER B 168 9.72 14.77 2.91
CA SER B 168 10.96 13.95 2.91
C SER B 168 11.70 14.08 1.64
N PHE B 169 10.96 14.30 0.55
CA PHE B 169 11.57 14.52 -0.74
C PHE B 169 12.49 15.74 -0.71
N GLU B 170 11.97 16.85 -0.20
CA GLU B 170 12.63 18.13 -0.22
C GLU B 170 13.87 18.23 0.68
N VAL B 171 13.81 17.66 1.87
CA VAL B 171 14.86 17.91 2.85
C VAL B 171 15.95 16.81 2.82
N ALA B 172 15.69 15.75 2.06
CA ALA B 172 16.62 14.67 1.90
C ALA B 172 18.06 15.11 1.54
N PRO B 173 18.21 15.98 0.55
CA PRO B 173 19.56 16.36 0.15
C PRO B 173 20.30 17.14 1.25
N TYR B 174 19.60 17.59 2.28
CA TYR B 174 20.18 18.41 3.34
C TYR B 174 20.65 17.54 4.47
N GLY B 175 20.49 16.22 4.33
CA GLY B 175 20.93 15.24 5.38
C GLY B 175 19.96 15.07 6.54
N ILE B 176 18.71 15.46 6.28
CA ILE B 176 17.63 15.36 7.23
C ILE B 176 16.74 14.22 6.76
N THR B 177 16.48 13.21 7.60
CA THR B 177 15.45 12.17 7.31
C THR B 177 14.12 12.44 8.04
N VAL B 178 13.04 11.92 7.46
CA VAL B 178 11.70 12.18 7.92
C VAL B 178 10.96 10.86 7.86
N ASN B 179 10.53 10.36 9.00
CA ASN B 179 9.87 9.04 9.11
C ASN B 179 8.79 9.02 10.18
N CYS B 180 7.90 8.05 10.08
CA CYS B 180 6.89 7.81 11.11
C CYS B 180 7.08 6.46 11.73
N VAL B 181 6.75 6.32 13.01
CA VAL B 181 6.76 5.01 13.69
C VAL B 181 5.31 4.78 14.05
N ALA B 182 4.73 3.66 13.63
CA ALA B 182 3.27 3.46 13.78
C ALA B 182 3.03 2.32 14.75
N PRO B 183 2.93 2.62 16.04
CA PRO B 183 2.96 1.55 17.01
C PRO B 183 1.59 0.94 17.09
N GLY B 184 1.53 -0.37 17.27
CA GLY B 184 0.29 -1.06 17.60
C GLY B 184 -0.06 -0.95 19.06
N TRP B 185 -0.79 -1.90 19.60
CA TRP B 185 -1.22 -1.78 21.00
C TRP B 185 -0.03 -1.78 21.95
N THR B 186 0.10 -0.70 22.72
CA THR B 186 1.21 -0.55 23.68
C THR B 186 0.72 -0.36 25.09
N GLU B 187 1.37 -1.05 26.01
CA GLU B 187 1.04 -1.02 27.46
C GLU B 187 1.43 0.30 28.12
N THR B 188 0.86 1.42 27.67
CA THR B 188 1.06 2.67 28.38
C THR B 188 -0.01 2.78 29.47
N GLU B 189 0.34 3.52 30.51
CA GLU B 189 -0.54 3.78 31.62
C GLU B 189 -1.92 4.23 31.15
N ARG B 190 -1.95 5.03 30.10
CA ARG B 190 -3.20 5.49 29.50
C ARG B 190 -4.08 4.34 29.01
N VAL B 191 -3.47 3.34 28.38
CA VAL B 191 -4.22 2.24 27.78
C VAL B 191 -4.67 1.26 28.87
N LYS B 192 -3.83 1.04 29.86
CA LYS B 192 -4.20 0.25 31.06
C LYS B 192 -5.31 0.89 31.91
N GLU B 193 -5.96 1.91 31.36
CA GLU B 193 -7.03 2.60 32.02
C GLU B 193 -8.22 2.80 31.08
N LEU B 194 -7.95 2.99 29.81
CA LEU B 194 -8.99 3.00 28.79
C LEU B 194 -9.70 1.63 28.66
N LEU B 195 -9.08 0.57 29.20
CA LEU B 195 -9.52 -0.80 28.94
C LEU B 195 -9.72 -1.67 30.17
N SER B 196 -10.81 -2.46 30.16
CA SER B 196 -11.04 -3.47 31.18
C SER B 196 -9.99 -4.61 31.07
N GLU B 197 -10.12 -5.64 31.90
CA GLU B 197 -9.34 -6.86 31.67
C GLU B 197 -9.87 -7.68 30.51
N GLU B 198 -11.19 -7.80 30.46
CA GLU B 198 -11.86 -8.54 29.39
C GLU B 198 -11.49 -7.96 28.02
N LYS B 199 -11.58 -6.65 27.85
CA LYS B 199 -11.26 -6.05 26.54
C LYS B 199 -9.76 -6.21 26.23
N LYS B 200 -8.89 -6.14 27.25
CA LYS B 200 -7.42 -6.30 27.08
C LYS B 200 -7.02 -7.67 26.56
N LYS B 201 -7.57 -8.72 27.17
CA LYS B 201 -7.31 -10.11 26.71
C LYS B 201 -7.90 -10.38 25.30
N GLN B 202 -9.11 -9.90 25.01
CA GLN B 202 -9.69 -10.06 23.66
C GLN B 202 -8.75 -9.46 22.60
N VAL B 203 -8.23 -8.27 22.88
CA VAL B 203 -7.29 -7.58 22.00
C VAL B 203 -6.01 -8.36 21.89
N GLU B 204 -5.44 -8.69 23.05
CA GLU B 204 -4.16 -9.39 23.14
C GLU B 204 -4.17 -10.74 22.42
N SER B 205 -5.37 -11.34 22.32
CA SER B 205 -5.54 -12.62 21.64
C SER B 205 -5.67 -12.52 20.12
N GLN B 206 -5.71 -11.32 19.60
CA GLN B 206 -5.70 -11.15 18.18
C GLN B 206 -4.38 -10.65 17.68
N ILE B 207 -3.47 -10.36 18.59
CA ILE B 207 -2.14 -9.99 18.20
C ILE B 207 -1.36 -11.30 18.07
N PRO B 208 -0.81 -11.60 16.89
CA PRO B 208 0.06 -12.75 16.74
C PRO B 208 1.12 -12.93 17.85
N MET B 209 1.81 -11.88 18.30
CA MET B 209 2.74 -12.02 19.46
C MET B 209 2.04 -12.24 20.77
N ARG B 210 0.70 -12.21 20.75
CA ARG B 210 -0.14 -12.52 21.91
C ARG B 210 0.08 -11.59 23.09
N ARG B 211 0.47 -10.35 22.82
CA ARG B 211 0.74 -9.36 23.87
C ARG B 211 0.85 -7.96 23.25
N MET B 212 0.73 -6.95 24.13
CA MET B 212 0.99 -5.55 23.80
C MET B 212 2.46 -5.21 24.00
N ALA B 213 2.93 -4.16 23.32
CA ALA B 213 4.32 -3.77 23.40
C ALA B 213 4.59 -3.10 24.75
N LYS B 214 5.75 -3.37 25.34
CA LYS B 214 6.30 -2.49 26.36
C LYS B 214 6.58 -1.19 25.65
N PRO B 215 6.37 -0.06 26.30
CA PRO B 215 6.72 1.22 25.69
C PRO B 215 8.15 1.32 25.13
N GLU B 216 9.12 0.73 25.83
CA GLU B 216 10.52 0.74 25.37
C GLU B 216 10.73 0.00 24.03
N GLU B 217 9.80 -0.91 23.68
CA GLU B 217 9.86 -1.62 22.37
C GLU B 217 9.55 -0.75 21.14
N ILE B 218 8.83 0.34 21.40
CA ILE B 218 8.50 1.32 20.37
C ILE B 218 9.58 2.36 20.36
N ALA B 219 9.97 2.76 21.59
CA ALA B 219 11.10 3.68 21.82
C ALA B 219 12.35 3.31 21.06
N SER B 220 12.71 2.03 21.07
CA SER B 220 14.01 1.62 20.53
C SER B 220 14.06 1.76 19.04
N VAL B 221 12.90 1.61 18.37
CA VAL B 221 12.77 1.79 16.91
C VAL B 221 12.94 3.25 16.57
N VAL B 222 12.24 4.10 17.32
CA VAL B 222 12.40 5.54 17.16
C VAL B 222 13.84 5.89 17.34
N ALA B 223 14.44 5.44 18.44
CA ALA B 223 15.88 5.69 18.77
C ALA B 223 16.78 5.30 17.63
N PHE B 224 16.53 4.16 17.00
CA PHE B 224 17.30 3.78 15.80
C PHE B 224 17.21 4.72 14.63
N LEU B 225 15.98 5.13 14.28
CA LEU B 225 15.74 6.09 13.19
C LEU B 225 16.47 7.42 13.43
N CYS B 226 16.51 7.84 14.71
CA CYS B 226 17.29 9.01 15.18
C CYS B 226 18.83 8.88 15.10
N SER B 227 19.38 7.67 15.05
CA SER B 227 20.85 7.47 14.99
C SER B 227 21.43 7.78 13.62
N GLU B 228 22.76 7.83 13.57
CA GLU B 228 23.53 8.09 12.35
C GLU B 228 23.47 6.90 11.42
N LYS B 229 23.15 5.74 11.99
CA LYS B 229 23.02 4.51 11.20
C LYS B 229 21.78 4.47 10.29
N ALA B 230 20.78 5.33 10.50
CA ALA B 230 19.56 5.29 9.69
C ALA B 230 19.60 6.30 8.55
N SER B 231 20.82 6.60 8.12
CA SER B 231 21.05 7.75 7.25
C SER B 231 20.39 7.63 5.90
N TYR B 232 20.17 6.41 5.42
CA TYR B 232 19.57 6.25 4.04
C TYR B 232 18.07 5.89 4.12
N LEU B 233 17.47 6.04 5.28
CA LEU B 233 16.08 5.63 5.48
C LEU B 233 15.19 6.84 5.73
N THR B 234 14.40 7.22 4.72
CA THR B 234 13.52 8.34 4.87
C THR B 234 12.25 8.13 4.09
N GLY B 235 11.24 8.93 4.42
CA GLY B 235 9.93 8.85 3.75
C GLY B 235 9.14 7.58 4.11
N GLN B 236 9.40 6.97 5.27
CA GLN B 236 8.86 5.64 5.58
C GLN B 236 8.08 5.65 6.87
N THR B 237 7.05 4.81 6.95
CA THR B 237 6.28 4.56 8.18
C THR B 237 6.59 3.16 8.66
N ILE B 238 7.31 3.03 9.79
CA ILE B 238 7.68 1.75 10.35
C ILE B 238 6.58 1.28 11.28
N VAL B 239 5.92 0.18 10.92
CA VAL B 239 4.83 -0.33 11.75
C VAL B 239 5.37 -1.29 12.77
N VAL B 240 5.13 -1.00 14.05
CA VAL B 240 5.66 -1.80 15.15
C VAL B 240 4.52 -2.34 15.95
N ASP B 241 3.97 -3.47 15.53
CA ASP B 241 2.64 -3.84 16.00
C ASP B 241 2.44 -5.30 16.27
N GLY B 242 3.52 -6.02 16.50
CA GLY B 242 3.43 -7.40 16.98
C GLY B 242 2.89 -8.34 15.92
N GLY B 243 2.74 -7.84 14.71
CA GLY B 243 2.24 -8.62 13.56
C GLY B 243 0.77 -8.46 13.24
N LEU B 244 0.08 -7.50 13.85
CA LEU B 244 -1.40 -7.39 13.76
C LEU B 244 -1.93 -6.98 12.38
N SER B 245 -1.40 -5.91 11.84
CA SER B 245 -1.83 -5.40 10.58
C SER B 245 -1.47 -6.38 9.46
N LYS B 246 -2.44 -6.55 8.55
CA LYS B 246 -2.38 -7.57 7.49
C LYS B 246 -1.70 -7.12 6.18
N PHE B 247 -1.53 -5.84 6.01
CA PHE B 247 -0.99 -5.36 4.77
C PHE B 247 0.42 -5.90 4.49
N PRO B 248 0.58 -6.56 3.35
CA PRO B 248 1.78 -7.30 3.04
C PRO B 248 2.98 -6.51 2.52
N LEU B 249 2.85 -5.24 2.22
CA LEU B 249 4.04 -4.54 1.71
C LEU B 249 4.62 -3.53 2.73
N GLY C 16 -27.81 0.91 -12.98
CA GLY C 16 -29.24 1.31 -13.16
C GLY C 16 -29.59 2.56 -12.34
N ILE C 17 -29.51 3.74 -12.95
CA ILE C 17 -29.63 5.02 -12.20
C ILE C 17 -30.55 6.05 -12.81
N ARG C 18 -31.45 5.58 -13.66
CA ARG C 18 -32.59 6.36 -14.10
C ARG C 18 -33.33 6.89 -12.86
N ASP C 19 -33.51 8.21 -12.81
CA ASP C 19 -34.28 8.88 -11.75
C ASP C 19 -33.65 9.00 -10.37
N LYS C 20 -32.40 8.59 -10.20
CA LYS C 20 -31.73 8.83 -8.91
C LYS C 20 -31.31 10.31 -8.83
N GLY C 21 -31.37 10.88 -7.63
CA GLY C 21 -30.96 12.27 -7.41
C GLY C 21 -29.45 12.34 -7.24
N VAL C 22 -28.82 13.26 -7.96
CA VAL C 22 -27.39 13.37 -7.97
C VAL C 22 -26.96 14.84 -7.72
N LEU C 23 -25.96 15.00 -6.85
CA LEU C 23 -25.24 16.27 -6.69
C LEU C 23 -23.76 16.11 -6.97
N VAL C 24 -23.24 16.96 -7.87
CA VAL C 24 -21.81 16.95 -8.22
C VAL C 24 -21.21 18.31 -7.89
N LEU C 25 -20.18 18.34 -7.02
CA LEU C 25 -19.51 19.58 -6.65
C LEU C 25 -18.40 19.94 -7.63
N ALA C 26 -18.09 21.25 -7.67
CA ALA C 26 -17.06 21.82 -8.54
C ALA C 26 -17.23 21.31 -9.97
N ALA C 27 -18.43 21.47 -10.49
CA ALA C 27 -18.81 20.72 -11.68
C ALA C 27 -19.25 21.56 -12.90
N SER C 28 -18.84 22.82 -12.98
CA SER C 28 -19.15 23.63 -14.18
C SER C 28 -18.15 23.33 -15.32
N ARG C 29 -16.94 22.94 -14.94
CA ARG C 29 -15.87 22.58 -15.87
C ARG C 29 -15.15 21.29 -15.43
N GLY C 30 -14.30 20.80 -16.31
CA GLY C 30 -13.40 19.69 -15.99
C GLY C 30 -14.07 18.34 -15.76
N ILE C 31 -13.48 17.60 -14.85
CA ILE C 31 -13.92 16.26 -14.49
C ILE C 31 -15.31 16.25 -13.87
N GLY C 32 -15.59 17.19 -12.99
CA GLY C 32 -16.90 17.25 -12.34
C GLY C 32 -17.99 17.49 -13.37
N ARG C 33 -17.71 18.32 -14.39
CA ARG C 33 -18.64 18.53 -15.52
C ARG C 33 -18.88 17.26 -16.29
N ALA C 34 -17.82 16.52 -16.56
CA ALA C 34 -17.93 15.30 -17.34
C ALA C 34 -18.79 14.30 -16.61
N VAL C 35 -18.62 14.22 -15.29
CA VAL C 35 -19.41 13.31 -14.44
C VAL C 35 -20.90 13.67 -14.49
N ALA C 36 -21.19 14.97 -14.41
CA ALA C 36 -22.53 15.46 -14.48
C ALA C 36 -23.19 15.11 -15.84
N ASP C 37 -22.43 15.29 -16.92
CA ASP C 37 -22.97 15.01 -18.25
C ASP C 37 -23.30 13.56 -18.45
N VAL C 38 -22.48 12.67 -17.89
CA VAL C 38 -22.69 11.24 -18.10
C VAL C 38 -23.95 10.85 -17.42
N LEU C 39 -23.94 11.07 -16.13
CA LEU C 39 -25.05 10.74 -15.27
C LEU C 39 -26.37 11.30 -15.78
N SER C 40 -26.34 12.48 -16.39
CA SER C 40 -27.51 13.03 -17.08
C SER C 40 -27.94 12.20 -18.27
N GLN C 41 -26.98 11.77 -19.09
CA GLN C 41 -27.27 10.93 -20.28
C GLN C 41 -27.84 9.56 -19.88
N GLU C 42 -27.53 9.09 -18.67
CA GLU C 42 -28.08 7.85 -18.13
C GLU C 42 -29.36 8.06 -17.32
N GLY C 43 -29.92 9.27 -17.39
CA GLY C 43 -31.24 9.55 -16.87
C GLY C 43 -31.37 9.95 -15.42
N ALA C 44 -30.25 10.23 -14.76
CA ALA C 44 -30.30 10.75 -13.38
C ALA C 44 -30.73 12.21 -13.39
N GLU C 45 -31.34 12.67 -12.30
CA GLU C 45 -31.65 14.10 -12.16
C GLU C 45 -30.49 14.76 -11.41
N VAL C 46 -29.69 15.51 -12.15
CA VAL C 46 -28.40 16.01 -11.67
C VAL C 46 -28.43 17.50 -11.34
N THR C 47 -27.89 17.84 -10.18
CA THR C 47 -27.58 19.21 -9.83
C THR C 47 -26.09 19.35 -9.76
N ILE C 48 -25.56 20.41 -10.34
CA ILE C 48 -24.15 20.77 -10.19
C ILE C 48 -24.05 22.03 -9.39
N CYS C 49 -22.88 22.27 -8.84
CA CYS C 49 -22.64 23.44 -8.05
C CYS C 49 -21.21 23.92 -8.23
N ALA C 50 -21.03 25.24 -8.24
CA ALA C 50 -19.72 25.91 -8.43
C ALA C 50 -19.85 27.41 -8.18
N ARG C 51 -18.71 28.10 -8.20
CA ARG C 51 -18.69 29.55 -7.99
C ARG C 51 -19.22 30.39 -9.13
N ASN C 52 -18.91 29.99 -10.36
CA ASN C 52 -19.14 30.85 -11.53
C ASN C 52 -20.55 30.70 -12.12
N GLU C 53 -21.43 31.65 -11.82
CA GLU C 53 -22.83 31.52 -12.23
C GLU C 53 -23.05 31.50 -13.76
N GLU C 54 -22.24 32.26 -14.50
CA GLU C 54 -22.43 32.33 -15.95
C GLU C 54 -21.98 31.01 -16.63
N LEU C 55 -20.92 30.40 -16.11
CA LEU C 55 -20.54 29.05 -16.55
C LEU C 55 -21.64 28.04 -16.26
N LEU C 56 -22.28 28.18 -15.09
CA LEU C 56 -23.36 27.28 -14.70
C LEU C 56 -24.62 27.44 -15.59
N LYS C 57 -25.03 28.68 -15.84
CA LYS C 57 -26.17 28.96 -16.73
C LYS C 57 -25.97 28.25 -18.07
N ARG C 58 -24.74 28.32 -18.57
CA ARG C 58 -24.41 27.82 -19.89
C ARG C 58 -24.18 26.30 -19.91
N SER C 59 -24.08 25.67 -18.74
CA SER C 59 -23.85 24.21 -18.68
C SER C 59 -25.07 23.35 -19.06
N GLY C 60 -26.27 23.94 -19.09
CA GLY C 60 -27.50 23.22 -19.42
C GLY C 60 -28.06 22.36 -18.30
N HIS C 61 -27.43 22.41 -17.12
CA HIS C 61 -27.82 21.60 -15.94
C HIS C 61 -28.55 22.38 -14.88
N ARG C 62 -29.26 21.67 -14.02
CA ARG C 62 -29.74 22.27 -12.81
C ARG C 62 -28.51 22.64 -12.00
N TYR C 63 -28.49 23.86 -11.45
CA TYR C 63 -27.30 24.36 -10.75
C TYR C 63 -27.62 25.18 -9.51
N VAL C 64 -26.63 25.24 -8.63
CA VAL C 64 -26.65 26.09 -7.45
C VAL C 64 -25.27 26.76 -7.35
N VAL C 65 -25.25 28.07 -7.12
CA VAL C 65 -23.97 28.76 -6.91
C VAL C 65 -23.50 28.50 -5.47
N CYS C 66 -22.26 28.02 -5.29
CA CYS C 66 -21.66 27.82 -3.96
C CYS C 66 -20.15 27.97 -3.91
N ASP C 67 -19.67 28.62 -2.87
CA ASP C 67 -18.26 28.53 -2.47
C ASP C 67 -18.09 27.31 -1.60
N LEU C 68 -16.90 26.74 -1.61
CA LEU C 68 -16.57 25.63 -0.72
C LEU C 68 -15.80 26.22 0.47
N ARG C 69 -16.44 27.21 1.10
CA ARG C 69 -15.90 27.97 2.24
C ARG C 69 -17.03 28.62 3.04
N LYS C 70 -17.81 29.49 2.41
CA LYS C 70 -18.93 30.16 3.08
C LYS C 70 -20.26 29.41 2.92
N ASP C 71 -20.68 29.25 1.65
CA ASP C 71 -22.09 29.07 1.26
C ASP C 71 -22.76 27.70 1.48
N LEU C 72 -22.60 27.11 2.66
CA LEU C 72 -23.13 25.76 2.84
C LEU C 72 -24.65 25.65 2.90
N ASP C 73 -25.32 26.27 3.87
CA ASP C 73 -26.77 26.02 4.01
C ASP C 73 -27.68 26.55 2.88
N LEU C 74 -27.17 27.37 1.95
CA LEU C 74 -27.84 27.60 0.66
C LEU C 74 -27.94 26.29 -0.15
N LEU C 75 -26.80 25.61 -0.25
CA LEU C 75 -26.72 24.32 -0.93
C LEU C 75 -27.73 23.30 -0.34
N PHE C 76 -27.77 23.17 0.99
CA PHE C 76 -28.66 22.17 1.64
C PHE C 76 -30.12 22.56 1.47
N GLU C 77 -30.37 23.86 1.38
CA GLU C 77 -31.71 24.41 1.15
C GLU C 77 -32.23 24.11 -0.27
N LYS C 78 -31.41 24.40 -1.28
CA LYS C 78 -31.82 24.31 -2.67
C LYS C 78 -31.68 22.89 -3.20
N VAL C 79 -30.89 22.06 -2.52
CA VAL C 79 -30.73 20.65 -2.87
C VAL C 79 -30.97 19.79 -1.63
N LYS C 80 -32.15 19.23 -1.51
CA LYS C 80 -32.62 18.71 -0.21
C LYS C 80 -32.12 17.29 0.08
N GLU C 81 -32.37 16.38 -0.85
CA GLU C 81 -32.03 14.96 -0.71
C GLU C 81 -31.34 14.50 -2.00
N VAL C 82 -30.57 13.43 -1.90
CA VAL C 82 -29.64 13.06 -2.96
C VAL C 82 -29.25 11.59 -2.75
N ASP C 83 -29.41 10.79 -3.80
CA ASP C 83 -29.04 9.37 -3.78
C ASP C 83 -27.57 9.14 -4.02
N ILE C 84 -26.97 10.06 -4.75
CA ILE C 84 -25.60 9.95 -5.20
C ILE C 84 -24.91 11.30 -5.04
N LEU C 85 -23.73 11.25 -4.42
CA LEU C 85 -22.99 12.43 -4.02
C LEU C 85 -21.56 12.32 -4.54
N VAL C 86 -21.17 13.19 -5.47
CA VAL C 86 -19.83 13.16 -5.99
C VAL C 86 -19.07 14.37 -5.44
N LEU C 87 -18.06 14.11 -4.62
CA LEU C 87 -17.33 15.19 -3.99
C LEU C 87 -16.20 15.58 -4.90
N ASN C 88 -15.97 16.87 -5.05
CA ASN C 88 -14.93 17.34 -5.95
C ASN C 88 -14.63 18.78 -5.61
N ALA C 89 -13.40 19.20 -5.78
CA ALA C 89 -13.01 20.58 -5.45
C ALA C 89 -11.92 21.05 -6.40
N GLY C 90 -11.68 22.35 -6.42
CA GLY C 90 -10.51 22.90 -7.12
C GLY C 90 -9.21 22.48 -6.45
N GLY C 91 -8.11 22.52 -7.20
CA GLY C 91 -6.80 22.11 -6.66
C GLY C 91 -6.08 23.25 -5.95
N PRO C 92 -5.68 23.04 -4.70
CA PRO C 92 -5.04 24.09 -3.90
C PRO C 92 -3.64 24.44 -4.37
N LYS C 93 -3.02 25.40 -3.68
CA LYS C 93 -1.74 25.99 -4.13
C LYS C 93 -0.62 24.95 -4.07
N ALA C 94 0.13 24.89 -5.16
CA ALA C 94 1.34 24.08 -5.25
C ALA C 94 2.60 24.92 -4.93
N GLY C 95 3.60 24.30 -4.35
CA GLY C 95 4.75 25.04 -3.80
C GLY C 95 5.70 24.24 -2.94
N PHE C 96 6.93 24.73 -2.80
CA PHE C 96 7.89 24.18 -1.83
C PHE C 96 7.53 24.65 -0.43
N PHE C 97 8.06 23.99 0.59
CA PHE C 97 7.65 24.26 1.98
C PHE C 97 7.82 25.72 2.39
N ASP C 98 8.93 26.34 2.03
CA ASP C 98 9.17 27.69 2.49
C ASP C 98 8.33 28.68 1.75
N GLU C 99 7.69 28.30 0.64
CA GLU C 99 6.80 29.24 -0.06
C GLU C 99 5.31 28.96 0.19
N LEU C 100 5.01 28.24 1.26
CA LEU C 100 3.63 27.95 1.67
C LEU C 100 3.42 28.35 3.12
N THR C 101 2.28 28.93 3.40
CA THR C 101 1.99 29.48 4.73
C THR C 101 1.07 28.56 5.50
N ASN C 102 0.93 28.86 6.78
CA ASN C 102 -0.03 28.14 7.63
C ASN C 102 -1.43 28.28 7.09
N GLU C 103 -1.68 29.43 6.51
CA GLU C 103 -3.00 29.69 5.89
C GLU C 103 -3.25 28.83 4.66
N ASP C 104 -2.20 28.52 3.89
CA ASP C 104 -2.35 27.63 2.75
C ASP C 104 -2.84 26.23 3.21
N PHE C 105 -2.17 25.69 4.23
CA PHE C 105 -2.53 24.38 4.78
C PHE C 105 -3.91 24.41 5.41
N LYS C 106 -4.26 25.52 6.03
CA LYS C 106 -5.54 25.63 6.70
C LYS C 106 -6.73 25.71 5.71
N GLU C 107 -6.53 26.46 4.61
CA GLU C 107 -7.55 26.61 3.57
C GLU C 107 -7.76 25.30 2.83
N ALA C 108 -6.69 24.58 2.58
CA ALA C 108 -6.83 23.31 1.91
C ALA C 108 -7.58 22.29 2.79
N ILE C 109 -7.25 22.24 4.07
CA ILE C 109 -7.89 21.32 5.02
C ILE C 109 -9.37 21.65 5.22
N ASP C 110 -9.72 22.93 5.27
CA ASP C 110 -11.13 23.34 5.35
C ASP C 110 -11.93 22.95 4.09
N SER C 111 -11.38 23.26 2.93
CA SER C 111 -12.14 23.13 1.71
C SER C 111 -12.10 21.68 1.22
N LEU C 112 -10.92 21.04 1.25
CA LEU C 112 -10.79 19.64 0.80
C LEU C 112 -11.15 18.57 1.82
N PHE C 113 -11.37 18.95 3.08
CA PHE C 113 -11.63 17.93 4.07
C PHE C 113 -12.84 18.23 4.93
N LEU C 114 -12.75 19.24 5.79
CA LEU C 114 -13.79 19.47 6.79
C LEU C 114 -15.13 19.94 6.21
N ASN C 115 -15.11 20.75 5.15
CA ASN C 115 -16.34 21.07 4.43
C ASN C 115 -17.00 19.86 3.76
N MET C 116 -16.19 18.89 3.30
CA MET C 116 -16.70 17.68 2.68
C MET C 116 -17.41 16.82 3.74
N ILE C 117 -16.83 16.76 4.93
CA ILE C 117 -17.44 16.02 6.04
C ILE C 117 -18.81 16.58 6.36
N LYS C 118 -18.90 17.90 6.37
CA LYS C 118 -20.17 18.58 6.60
C LYS C 118 -21.24 18.20 5.55
N ILE C 119 -20.84 18.14 4.29
CA ILE C 119 -21.78 17.84 3.19
C ILE C 119 -22.25 16.40 3.26
N VAL C 120 -21.33 15.49 3.56
CA VAL C 120 -21.67 14.10 3.78
C VAL C 120 -22.68 13.96 4.95
N ARG C 121 -22.28 14.49 6.09
CA ARG C 121 -23.14 14.48 7.27
C ARG C 121 -24.55 14.92 6.92
N ASN C 122 -24.69 15.87 6.00
CA ASN C 122 -26.00 16.39 5.60
C ASN C 122 -26.85 15.41 4.78
N TYR C 123 -26.24 14.78 3.77
CA TYR C 123 -26.97 13.99 2.76
C TYR C 123 -27.11 12.49 3.06
N LEU C 124 -26.31 12.09 4.05
CA LEU C 124 -26.20 10.72 4.54
C LEU C 124 -27.46 10.15 5.16
N PRO C 125 -28.10 10.85 6.11
CA PRO C 125 -29.36 10.34 6.71
C PRO C 125 -30.46 9.86 5.72
N ALA C 126 -30.74 10.61 4.66
CA ALA C 126 -31.73 10.19 3.67
C ALA C 126 -31.30 8.96 2.84
N MET C 127 -30.00 8.77 2.64
CA MET C 127 -29.53 7.53 2.02
C MET C 127 -29.75 6.29 2.92
N LYS C 128 -29.46 6.43 4.23
CA LYS C 128 -29.75 5.38 5.22
C LYS C 128 -31.22 5.03 5.24
N GLU C 129 -32.07 6.04 5.23
CA GLU C 129 -33.51 5.87 5.22
C GLU C 129 -33.96 5.01 4.03
N LYS C 130 -33.38 5.25 2.85
CA LYS C 130 -33.76 4.52 1.61
C LYS C 130 -33.09 3.16 1.47
N GLY C 131 -32.07 2.90 2.29
CA GLY C 131 -31.29 1.66 2.20
C GLY C 131 -30.38 1.55 1.00
N TRP C 132 -30.19 2.67 0.29
CA TRP C 132 -29.32 2.71 -0.91
C TRP C 132 -28.60 4.04 -0.98
N GLY C 133 -27.29 4.01 -1.30
CA GLY C 133 -26.55 5.28 -1.48
C GLY C 133 -25.22 5.19 -2.17
N ARG C 134 -24.74 6.31 -2.68
CA ARG C 134 -23.44 6.31 -3.31
C ARG C 134 -22.71 7.61 -3.01
N ILE C 135 -21.52 7.46 -2.39
CA ILE C 135 -20.59 8.55 -2.25
C ILE C 135 -19.32 8.27 -3.02
N VAL C 136 -18.91 9.23 -3.83
CA VAL C 136 -17.69 9.10 -4.63
C VAL C 136 -16.87 10.40 -4.50
N ALA C 137 -15.61 10.29 -4.04
CA ALA C 137 -14.78 11.47 -3.95
C ALA C 137 -13.79 11.45 -5.07
N ILE C 138 -13.65 12.55 -5.80
CA ILE C 138 -12.59 12.63 -6.79
C ILE C 138 -11.41 13.23 -6.11
N THR C 139 -10.32 12.48 -6.09
CA THR C 139 -9.14 12.93 -5.38
C THR C 139 -8.01 13.04 -6.42
N SER C 140 -6.90 12.31 -6.22
CA SER C 140 -5.74 12.37 -7.13
C SER C 140 -4.82 11.17 -7.04
N PHE C 141 -4.21 10.79 -8.13
CA PHE C 141 -3.28 9.70 -8.08
C PHE C 141 -2.05 10.08 -7.19
N SER C 142 -1.86 11.39 -6.99
CA SER C 142 -0.85 11.92 -6.07
C SER C 142 -1.06 11.41 -4.62
N VAL C 143 -2.23 10.86 -4.35
CA VAL C 143 -2.52 10.22 -3.08
C VAL C 143 -1.63 9.01 -2.83
N ILE C 144 -1.38 8.18 -3.83
CA ILE C 144 -0.44 7.04 -3.69
C ILE C 144 0.92 7.28 -4.29
N SER C 145 1.04 8.32 -5.10
CA SER C 145 2.30 8.63 -5.73
C SER C 145 2.45 10.13 -5.64
N PRO C 146 2.58 10.61 -4.40
CA PRO C 146 2.75 12.06 -4.12
C PRO C 146 3.79 12.79 -4.93
N ILE C 147 3.34 13.87 -5.57
CA ILE C 147 4.17 14.84 -6.33
C ILE C 147 4.80 15.87 -5.37
N GLU C 148 6.02 16.28 -5.68
CA GLU C 148 6.91 16.83 -4.68
C GLU C 148 6.55 18.16 -4.11
N ASN C 149 5.78 18.95 -4.84
CA ASN C 149 5.41 20.28 -4.29
C ASN C 149 3.89 20.43 -4.07
N LEU C 150 3.20 19.31 -3.86
CA LEU C 150 1.76 19.36 -3.60
C LEU C 150 1.43 19.03 -2.16
N TYR C 151 2.19 19.64 -1.26
CA TYR C 151 2.07 19.45 0.18
C TYR C 151 0.65 19.59 0.73
N THR C 152 -0.07 20.63 0.28
CA THR C 152 -1.43 20.94 0.79
C THR C 152 -2.50 19.96 0.27
N SER C 153 -2.43 19.59 -1.00
CA SER C 153 -3.40 18.66 -1.57
C SER C 153 -3.08 17.19 -1.19
N ASN C 154 -1.80 16.86 -1.18
CA ASN C 154 -1.40 15.53 -0.79
C ASN C 154 -1.97 15.21 0.62
N SER C 155 -1.63 16.04 1.61
CA SER C 155 -2.07 15.79 3.00
C SER C 155 -3.59 15.91 3.22
N ALA C 156 -4.24 16.87 2.58
CA ALA C 156 -5.73 17.01 2.72
C ALA C 156 -6.51 15.91 2.04
N ARG C 157 -6.02 15.42 0.91
CA ARG C 157 -6.66 14.30 0.23
C ARG C 157 -6.44 12.97 0.95
N MET C 158 -5.33 12.85 1.64
CA MET C 158 -5.07 11.67 2.48
C MET C 158 -6.00 11.65 3.67
N ALA C 159 -6.20 12.85 4.22
CA ALA C 159 -7.13 13.04 5.30
C ALA C 159 -8.56 12.60 4.87
N LEU C 160 -9.06 13.12 3.76
CA LEU C 160 -10.40 12.74 3.31
C LEU C 160 -10.45 11.25 2.94
N THR C 161 -9.42 10.75 2.30
CA THR C 161 -9.41 9.33 1.96
C THR C 161 -9.50 8.46 3.23
N GLY C 162 -8.74 8.82 4.25
CA GLY C 162 -8.84 8.14 5.54
C GLY C 162 -10.22 8.22 6.17
N PHE C 163 -10.79 9.41 6.15
CA PHE C 163 -12.14 9.58 6.65
C PHE C 163 -13.10 8.66 5.94
N LEU C 164 -13.05 8.64 4.63
CA LEU C 164 -14.06 7.91 3.87
C LEU C 164 -13.91 6.43 4.09
N LYS C 165 -12.68 5.95 4.20
CA LYS C 165 -12.48 4.51 4.44
C LYS C 165 -13.10 4.10 5.80
N THR C 166 -12.92 4.93 6.83
CA THR C 166 -13.43 4.60 8.12
C THR C 166 -14.95 4.63 8.03
N LEU C 167 -15.48 5.61 7.29
CA LEU C 167 -16.91 5.76 7.08
C LEU C 167 -17.50 4.53 6.42
N SER C 168 -16.78 4.03 5.42
CA SER C 168 -17.28 2.99 4.53
C SER C 168 -17.64 1.75 5.33
N PHE C 169 -16.92 1.51 6.42
CA PHE C 169 -17.24 0.42 7.34
C PHE C 169 -18.66 0.53 7.94
N GLU C 170 -19.02 1.73 8.39
CA GLU C 170 -20.22 1.94 9.14
C GLU C 170 -21.51 2.03 8.29
N VAL C 171 -21.38 2.51 7.05
CA VAL C 171 -22.55 2.71 6.19
C VAL C 171 -22.80 1.53 5.23
N ALA C 172 -21.84 0.62 5.19
CA ALA C 172 -21.90 -0.59 4.36
C ALA C 172 -23.16 -1.39 4.54
N PRO C 173 -23.57 -1.68 5.77
CA PRO C 173 -24.80 -2.44 5.98
C PRO C 173 -26.06 -1.71 5.54
N TYR C 174 -25.98 -0.41 5.29
CA TYR C 174 -27.16 0.35 4.93
C TYR C 174 -27.31 0.46 3.42
N GLY C 175 -26.43 -0.21 2.67
CA GLY C 175 -26.53 -0.25 1.21
C GLY C 175 -25.87 0.93 0.51
N ILE C 176 -25.00 1.61 1.23
CA ILE C 176 -24.31 2.78 0.74
C ILE C 176 -22.85 2.41 0.51
N THR C 177 -22.37 2.66 -0.71
CA THR C 177 -20.93 2.52 -0.96
C THR C 177 -20.20 3.89 -0.80
N VAL C 178 -18.91 3.82 -0.50
CA VAL C 178 -18.06 4.96 -0.24
C VAL C 178 -16.72 4.71 -0.91
N ASN C 179 -16.38 5.45 -1.96
CA ASN C 179 -15.17 5.22 -2.76
C ASN C 179 -14.56 6.51 -3.29
N CYS C 180 -13.27 6.47 -3.60
CA CYS C 180 -12.62 7.58 -4.24
C CYS C 180 -12.22 7.16 -5.66
N VAL C 181 -12.12 8.12 -6.56
CA VAL C 181 -11.55 7.91 -7.88
C VAL C 181 -10.33 8.84 -7.90
N ALA C 182 -9.17 8.31 -8.25
CA ALA C 182 -7.91 9.08 -8.17
C ALA C 182 -7.35 9.32 -9.56
N PRO C 183 -7.75 10.40 -10.22
CA PRO C 183 -7.38 10.49 -11.64
C PRO C 183 -5.96 10.96 -11.68
N GLY C 184 -5.22 10.50 -12.68
CA GLY C 184 -3.92 11.04 -13.03
C GLY C 184 -4.06 12.28 -13.91
N TRP C 185 -3.05 12.55 -14.71
CA TRP C 185 -3.10 13.77 -15.52
C TRP C 185 -4.30 13.73 -16.49
N THR C 186 -5.16 14.72 -16.36
CA THR C 186 -6.31 14.82 -17.22
C THR C 186 -6.25 16.11 -18.02
N GLU C 187 -6.63 16.04 -19.29
CA GLU C 187 -6.69 17.24 -20.14
C GLU C 187 -7.93 18.12 -19.90
N THR C 188 -8.09 18.66 -18.69
CA THR C 188 -9.12 19.68 -18.45
C THR C 188 -8.55 21.01 -18.91
N GLU C 189 -9.43 21.93 -19.30
CA GLU C 189 -8.98 23.25 -19.78
C GLU C 189 -8.16 24.02 -18.72
N ARG C 190 -8.40 23.75 -17.43
CA ARG C 190 -7.52 24.27 -16.34
C ARG C 190 -6.06 23.81 -16.52
N VAL C 191 -5.86 22.54 -16.85
CA VAL C 191 -4.51 21.95 -16.98
C VAL C 191 -3.85 22.42 -18.28
N LYS C 192 -4.62 22.52 -19.36
CA LYS C 192 -4.14 23.12 -20.61
C LYS C 192 -3.86 24.64 -20.51
N GLU C 193 -3.80 25.14 -19.28
CA GLU C 193 -3.44 26.53 -19.00
C GLU C 193 -2.34 26.60 -17.92
N LEU C 194 -2.42 25.73 -16.91
CA LEU C 194 -1.38 25.58 -15.89
C LEU C 194 -0.03 25.13 -16.50
N LEU C 195 -0.03 24.64 -17.75
CA LEU C 195 1.18 24.02 -18.35
C LEU C 195 1.52 24.50 -19.76
N SER C 196 2.82 24.67 -20.00
CA SER C 196 3.32 24.98 -21.35
C SER C 196 3.10 23.78 -22.29
N GLU C 197 3.57 23.89 -23.53
CA GLU C 197 3.67 22.70 -24.39
C GLU C 197 4.87 21.83 -24.00
N GLU C 198 6.00 22.45 -23.67
CA GLU C 198 7.21 21.73 -23.26
C GLU C 198 6.96 20.91 -21.98
N LYS C 199 6.33 21.49 -20.95
CA LYS C 199 6.03 20.74 -19.72
C LYS C 199 5.01 19.61 -19.96
N LYS C 200 4.02 19.90 -20.80
CA LYS C 200 2.99 18.94 -21.18
C LYS C 200 3.59 17.67 -21.80
N LYS C 201 4.43 17.85 -22.81
CA LYS C 201 5.14 16.73 -23.45
C LYS C 201 6.04 15.93 -22.48
N GLN C 202 6.82 16.65 -21.66
CA GLN C 202 7.68 15.98 -20.65
C GLN C 202 6.87 15.04 -19.77
N VAL C 203 5.72 15.56 -19.31
CA VAL C 203 4.81 14.79 -18.48
C VAL C 203 4.20 13.64 -19.28
N GLU C 204 3.64 13.94 -20.44
CA GLU C 204 3.01 12.93 -21.31
C GLU C 204 3.93 11.75 -21.61
N SER C 205 5.23 12.02 -21.70
CA SER C 205 6.23 11.02 -22.07
C SER C 205 6.63 10.16 -20.88
N GLN C 206 6.11 10.44 -19.70
CA GLN C 206 6.31 9.57 -18.55
C GLN C 206 5.05 8.77 -18.19
N ILE C 207 3.96 9.04 -18.89
CA ILE C 207 2.75 8.24 -18.77
C ILE C 207 2.94 7.08 -19.72
N PRO C 208 2.84 5.83 -19.24
CA PRO C 208 2.92 4.67 -20.12
C PRO C 208 1.96 4.76 -21.31
N MET C 209 0.72 5.19 -21.09
CA MET C 209 -0.21 5.40 -22.22
C MET C 209 0.20 6.55 -23.12
N ARG C 210 1.25 7.27 -22.74
CA ARG C 210 1.86 8.37 -23.52
C ARG C 210 0.88 9.51 -23.81
N ARG C 211 -0.08 9.72 -22.90
CA ARG C 211 -1.10 10.75 -23.04
C ARG C 211 -1.86 10.98 -21.73
N MET C 212 -2.50 12.13 -21.63
CA MET C 212 -3.40 12.45 -20.54
C MET C 212 -4.85 12.01 -20.84
N ALA C 213 -5.63 11.84 -19.80
CA ALA C 213 -6.98 11.34 -19.96
C ALA C 213 -7.83 12.44 -20.57
N LYS C 214 -8.76 12.05 -21.43
CA LYS C 214 -9.93 12.91 -21.70
C LYS C 214 -10.76 12.88 -20.39
N PRO C 215 -11.42 13.97 -20.04
CA PRO C 215 -12.18 13.99 -18.81
C PRO C 215 -13.24 12.91 -18.72
N GLU C 216 -13.84 12.53 -19.86
CA GLU C 216 -14.84 11.44 -19.86
C GLU C 216 -14.27 10.09 -19.42
N GLU C 217 -12.98 9.87 -19.64
CA GLU C 217 -12.31 8.61 -19.22
C GLU C 217 -12.19 8.44 -17.68
N ILE C 218 -12.28 9.56 -16.95
CA ILE C 218 -12.39 9.56 -15.47
C ILE C 218 -13.87 9.48 -15.09
N ALA C 219 -14.66 10.32 -15.75
CA ALA C 219 -16.13 10.30 -15.60
C ALA C 219 -16.75 8.90 -15.71
N SER C 220 -16.35 8.09 -16.70
CA SER C 220 -16.97 6.77 -16.87
C SER C 220 -16.75 5.81 -15.72
N VAL C 221 -15.59 5.95 -15.03
CA VAL C 221 -15.24 5.14 -13.82
C VAL C 221 -16.15 5.55 -12.69
N VAL C 222 -16.26 6.87 -12.52
CA VAL C 222 -17.11 7.42 -11.49
C VAL C 222 -18.54 6.98 -11.71
N ALA C 223 -19.01 7.06 -12.96
CA ALA C 223 -20.37 6.65 -13.31
C ALA C 223 -20.63 5.21 -12.99
N PHE C 224 -19.66 4.34 -13.26
CA PHE C 224 -19.79 2.92 -12.88
C PHE C 224 -19.89 2.64 -11.36
N LEU C 225 -19.05 3.31 -10.54
CA LEU C 225 -19.18 3.18 -9.09
C LEU C 225 -20.59 3.59 -8.63
N CYS C 226 -21.12 4.64 -9.24
CA CYS C 226 -22.53 5.09 -8.97
C CYS C 226 -23.69 4.16 -9.40
N SER C 227 -23.40 3.23 -10.28
CA SER C 227 -24.42 2.33 -10.77
C SER C 227 -24.69 1.17 -9.82
N GLU C 228 -25.82 0.48 -10.04
CA GLU C 228 -26.26 -0.64 -9.17
C GLU C 228 -25.29 -1.83 -9.26
N LYS C 229 -24.54 -1.84 -10.36
CA LYS C 229 -23.63 -2.91 -10.64
C LYS C 229 -22.40 -2.84 -9.71
N ALA C 230 -22.17 -1.71 -9.05
CA ALA C 230 -21.00 -1.56 -8.20
C ALA C 230 -21.31 -1.85 -6.75
N SER C 231 -22.32 -2.69 -6.55
CA SER C 231 -22.95 -2.84 -5.26
C SER C 231 -22.09 -3.52 -4.18
N TYR C 232 -21.03 -4.23 -4.56
CA TYR C 232 -20.16 -4.90 -3.59
C TYR C 232 -18.80 -4.25 -3.41
N LEU C 233 -18.65 -3.04 -3.94
CA LEU C 233 -17.35 -2.38 -4.00
C LEU C 233 -17.42 -1.13 -3.18
N THR C 234 -16.77 -1.15 -2.04
CA THR C 234 -16.72 0.02 -1.18
C THR C 234 -15.37 0.03 -0.46
N GLY C 235 -15.04 1.19 0.09
CA GLY C 235 -13.82 1.42 0.81
C GLY C 235 -12.56 1.41 -0.08
N GLN C 236 -12.71 1.74 -1.36
CA GLN C 236 -11.62 1.61 -2.30
C GLN C 236 -11.34 2.91 -3.03
N THR C 237 -10.07 3.10 -3.39
CA THR C 237 -9.65 4.22 -4.23
C THR C 237 -9.24 3.67 -5.60
N ILE C 238 -10.01 3.94 -6.64
CA ILE C 238 -9.65 3.47 -7.94
C ILE C 238 -8.73 4.50 -8.60
N VAL C 239 -7.54 4.08 -8.95
CA VAL C 239 -6.63 4.99 -9.61
C VAL C 239 -6.79 4.87 -11.12
N VAL C 240 -7.02 6.02 -11.75
CA VAL C 240 -7.25 6.07 -13.21
C VAL C 240 -6.19 6.95 -13.88
N ASP C 241 -5.00 6.42 -14.13
CA ASP C 241 -3.80 7.29 -14.40
C ASP C 241 -2.92 6.83 -15.55
N GLY C 242 -3.47 6.01 -16.44
CA GLY C 242 -2.72 5.62 -17.63
C GLY C 242 -1.50 4.80 -17.30
N GLY C 243 -1.39 4.31 -16.07
CA GLY C 243 -0.31 3.44 -15.67
C GLY C 243 0.86 4.08 -14.93
N LEU C 244 0.68 5.34 -14.52
CA LEU C 244 1.78 6.17 -14.04
C LEU C 244 2.33 5.73 -12.69
N SER C 245 1.43 5.57 -11.72
CA SER C 245 1.86 5.19 -10.39
C SER C 245 2.40 3.79 -10.38
N LYS C 246 3.50 3.63 -9.64
CA LYS C 246 4.26 2.38 -9.59
C LYS C 246 3.71 1.35 -8.58
N PHE C 247 2.92 1.80 -7.60
CA PHE C 247 2.48 0.90 -6.54
C PHE C 247 1.77 -0.37 -7.05
N PRO C 248 2.35 -1.54 -6.78
CA PRO C 248 1.84 -2.81 -7.31
C PRO C 248 0.47 -3.29 -6.84
N LEU C 249 0.03 -2.90 -5.64
CA LEU C 249 -1.17 -3.53 -5.03
C LEU C 249 -2.43 -2.68 -4.98
N GLY D 16 -17.95 -0.84 -24.80
CA GLY D 16 -18.38 -1.27 -26.16
C GLY D 16 -17.63 -2.51 -26.67
N ILE D 17 -18.24 -3.69 -26.49
CA ILE D 17 -17.54 -4.96 -26.77
C ILE D 17 -18.34 -5.98 -27.60
N ARG D 18 -19.37 -5.50 -28.29
CA ARG D 18 -20.00 -6.29 -29.35
C ARG D 18 -18.87 -6.79 -30.28
N ASP D 19 -18.87 -8.11 -30.54
CA ASP D 19 -17.94 -8.79 -31.48
C ASP D 19 -16.50 -8.95 -31.07
N LYS D 20 -16.09 -8.51 -29.89
CA LYS D 20 -14.68 -8.77 -29.50
C LYS D 20 -14.55 -10.26 -29.16
N GLY D 21 -13.39 -10.81 -29.45
CA GLY D 21 -13.09 -12.20 -29.06
C GLY D 21 -12.63 -12.30 -27.61
N VAL D 22 -13.21 -13.21 -26.85
CA VAL D 22 -13.00 -13.29 -25.41
C VAL D 22 -12.69 -14.72 -25.03
N LEU D 23 -11.62 -14.91 -24.24
CA LEU D 23 -11.35 -16.20 -23.59
C LEU D 23 -11.32 -16.06 -22.04
N VAL D 24 -12.04 -16.95 -21.35
CA VAL D 24 -12.12 -16.94 -19.89
C VAL D 24 -11.68 -18.29 -19.38
N LEU D 25 -10.64 -18.31 -18.54
CA LEU D 25 -10.13 -19.55 -17.99
C LEU D 25 -10.87 -19.90 -16.72
N ALA D 26 -10.84 -21.20 -16.38
CA ALA D 26 -11.54 -21.78 -15.20
C ALA D 26 -13.00 -21.27 -15.03
N ALA D 27 -13.73 -21.39 -16.13
CA ALA D 27 -14.96 -20.66 -16.28
C ALA D 27 -16.19 -21.55 -16.56
N SER D 28 -16.22 -22.77 -16.05
CA SER D 28 -17.43 -23.65 -16.16
C SER D 28 -18.37 -23.39 -14.99
N ARG D 29 -17.77 -22.91 -13.89
CA ARG D 29 -18.52 -22.50 -12.72
C ARG D 29 -17.93 -21.24 -12.08
N GLY D 30 -18.59 -20.80 -11.04
CA GLY D 30 -18.09 -19.72 -10.21
C GLY D 30 -18.06 -18.38 -10.94
N ILE D 31 -17.09 -17.59 -10.51
CA ILE D 31 -16.85 -16.25 -11.04
C ILE D 31 -16.52 -16.26 -12.52
N GLY D 32 -15.67 -17.21 -12.93
CA GLY D 32 -15.29 -17.29 -14.34
C GLY D 32 -16.54 -17.49 -15.20
N ARG D 33 -17.46 -18.31 -14.70
CA ARG D 33 -18.72 -18.56 -15.39
C ARG D 33 -19.53 -17.30 -15.52
N ALA D 34 -19.59 -16.56 -14.42
CA ALA D 34 -20.37 -15.35 -14.36
C ALA D 34 -19.82 -14.32 -15.32
N VAL D 35 -18.51 -14.26 -15.45
CA VAL D 35 -17.86 -13.32 -16.37
C VAL D 35 -18.17 -13.66 -17.83
N ALA D 36 -18.16 -14.94 -18.17
CA ALA D 36 -18.48 -15.37 -19.52
C ALA D 36 -19.91 -15.05 -19.82
N ASP D 37 -20.79 -15.29 -18.86
CA ASP D 37 -22.23 -15.02 -19.09
C ASP D 37 -22.47 -13.57 -19.48
N VAL D 38 -21.83 -12.65 -18.76
CA VAL D 38 -22.11 -11.22 -18.93
C VAL D 38 -21.64 -10.80 -20.28
N LEU D 39 -20.38 -11.08 -20.53
CA LEU D 39 -19.75 -10.69 -21.78
C LEU D 39 -20.47 -11.25 -23.01
N SER D 40 -21.04 -12.44 -22.87
CA SER D 40 -21.94 -12.99 -23.89
C SER D 40 -23.19 -12.18 -24.09
N GLN D 41 -23.77 -11.74 -22.99
CA GLN D 41 -24.97 -10.91 -23.04
C GLN D 41 -24.73 -9.52 -23.64
N GLU D 42 -23.48 -9.05 -23.56
CA GLU D 42 -23.11 -7.78 -24.16
C GLU D 42 -22.55 -7.98 -25.57
N GLY D 43 -22.72 -9.17 -26.12
CA GLY D 43 -22.44 -9.45 -27.52
C GLY D 43 -21.04 -9.90 -27.89
N ALA D 44 -20.17 -10.17 -26.92
CA ALA D 44 -18.83 -10.72 -27.22
C ALA D 44 -18.96 -12.16 -27.71
N GLU D 45 -17.98 -12.60 -28.48
CA GLU D 45 -17.88 -14.00 -28.88
C GLU D 45 -16.88 -14.67 -27.90
N VAL D 46 -17.43 -15.43 -26.95
CA VAL D 46 -16.74 -15.93 -25.76
C VAL D 46 -16.42 -17.43 -25.85
N THR D 47 -15.17 -17.78 -25.58
CA THR D 47 -14.81 -19.17 -25.29
C THR D 47 -14.42 -19.29 -23.82
N ILE D 48 -14.87 -20.38 -23.22
CA ILE D 48 -14.49 -20.72 -21.86
C ILE D 48 -13.66 -22.00 -21.93
N CYS D 49 -12.85 -22.24 -20.90
CA CYS D 49 -12.01 -23.43 -20.82
C CYS D 49 -11.94 -23.91 -19.38
N ALA D 50 -12.01 -25.22 -19.19
CA ALA D 50 -11.91 -25.89 -17.87
C ALA D 50 -11.70 -27.39 -18.06
N ARG D 51 -11.48 -28.11 -16.96
CA ARG D 51 -11.24 -29.54 -17.06
C ARG D 51 -12.50 -30.37 -17.30
N ASN D 52 -13.62 -29.93 -16.78
CA ASN D 52 -14.86 -30.70 -16.77
C ASN D 52 -15.66 -30.58 -18.04
N GLU D 53 -15.60 -31.57 -18.94
CA GLU D 53 -16.27 -31.48 -20.23
C GLU D 53 -17.79 -31.43 -20.12
N GLU D 54 -18.34 -32.21 -19.20
CA GLU D 54 -19.80 -32.33 -19.11
C GLU D 54 -20.40 -31.03 -18.60
N LEU D 55 -19.73 -30.40 -17.64
CA LEU D 55 -20.14 -29.05 -17.21
C LEU D 55 -20.09 -28.06 -18.38
N LEU D 56 -19.05 -28.18 -19.20
CA LEU D 56 -18.85 -27.26 -20.32
C LEU D 56 -19.92 -27.42 -21.41
N LYS D 57 -20.24 -28.65 -21.79
CA LYS D 57 -21.33 -28.92 -22.74
C LYS D 57 -22.62 -28.24 -22.30
N ARG D 58 -22.88 -28.34 -21.01
CA ARG D 58 -24.10 -27.82 -20.39
C ARG D 58 -24.09 -26.28 -20.26
N SER D 59 -22.91 -25.67 -20.33
CA SER D 59 -22.79 -24.21 -20.12
C SER D 59 -23.50 -23.37 -21.19
N GLY D 60 -23.69 -23.93 -22.38
CA GLY D 60 -24.23 -23.17 -23.50
C GLY D 60 -23.23 -22.28 -24.22
N HIS D 61 -21.96 -22.34 -23.85
CA HIS D 61 -20.92 -21.53 -24.47
C HIS D 61 -20.03 -22.34 -25.39
N ARG D 62 -19.25 -21.61 -26.18
CA ARG D 62 -18.10 -22.16 -26.85
C ARG D 62 -17.09 -22.55 -25.80
N TYR D 63 -16.56 -23.78 -25.91
CA TYR D 63 -15.68 -24.32 -24.90
C TYR D 63 -14.49 -25.16 -25.42
N VAL D 64 -13.41 -25.20 -24.63
CA VAL D 64 -12.26 -26.10 -24.83
C VAL D 64 -12.06 -26.81 -23.55
N VAL D 65 -11.74 -28.08 -23.59
CA VAL D 65 -11.33 -28.81 -22.37
C VAL D 65 -9.80 -28.79 -22.22
N CYS D 66 -9.25 -28.62 -21.03
CA CYS D 66 -7.80 -28.51 -20.92
C CYS D 66 -7.30 -28.54 -19.50
N ASP D 67 -6.34 -29.45 -19.21
CA ASP D 67 -5.48 -29.44 -17.98
C ASP D 67 -4.33 -28.57 -18.46
N LEU D 68 -4.30 -27.31 -18.04
CA LEU D 68 -3.34 -26.38 -18.59
C LEU D 68 -1.85 -26.75 -18.38
N ARG D 69 -1.55 -27.70 -17.50
CA ARG D 69 -0.19 -28.24 -17.41
C ARG D 69 0.19 -28.85 -18.74
N LYS D 70 -0.78 -29.38 -19.48
CA LYS D 70 -0.44 -30.14 -20.64
C LYS D 70 -1.17 -29.86 -21.90
N ASP D 71 -2.17 -28.98 -21.87
CA ASP D 71 -2.95 -28.64 -23.06
C ASP D 71 -2.88 -27.20 -23.51
N LEU D 72 -1.83 -26.48 -23.20
CA LEU D 72 -1.68 -25.14 -23.76
C LEU D 72 -1.64 -25.21 -25.30
N ASP D 73 -1.03 -26.25 -25.85
CA ASP D 73 -1.00 -26.42 -27.32
C ASP D 73 -2.41 -26.55 -27.86
N LEU D 74 -3.22 -27.32 -27.15
CA LEU D 74 -4.64 -27.46 -27.50
C LEU D 74 -5.35 -26.11 -27.46
N LEU D 75 -5.23 -25.46 -26.32
CA LEU D 75 -5.86 -24.18 -26.12
C LEU D 75 -5.49 -23.15 -27.21
N PHE D 76 -4.24 -23.09 -27.62
CA PHE D 76 -3.79 -22.07 -28.56
C PHE D 76 -4.24 -22.41 -29.95
N GLU D 77 -4.40 -23.70 -30.17
CA GLU D 77 -4.88 -24.21 -31.43
C GLU D 77 -6.32 -23.86 -31.67
N LYS D 78 -7.16 -24.18 -30.68
CA LYS D 78 -8.60 -24.08 -30.82
C LYS D 78 -9.07 -22.67 -30.58
N VAL D 79 -8.26 -21.87 -29.89
CA VAL D 79 -8.57 -20.45 -29.66
C VAL D 79 -7.39 -19.62 -30.15
N LYS D 80 -7.52 -19.04 -31.32
CA LYS D 80 -6.37 -18.56 -32.06
C LYS D 80 -5.96 -17.14 -31.66
N GLU D 81 -6.93 -16.21 -31.69
CA GLU D 81 -6.72 -14.80 -31.33
C GLU D 81 -7.83 -14.38 -30.41
N VAL D 82 -7.65 -13.28 -29.73
CA VAL D 82 -8.47 -12.93 -28.59
C VAL D 82 -8.17 -11.47 -28.25
N ASP D 83 -9.23 -10.67 -28.21
CA ASP D 83 -9.17 -9.25 -27.80
C ASP D 83 -9.14 -9.06 -26.29
N ILE D 84 -9.77 -10.00 -25.59
CA ILE D 84 -9.97 -9.89 -24.15
C ILE D 84 -9.67 -11.23 -23.49
N LEU D 85 -8.83 -11.19 -22.47
CA LEU D 85 -8.29 -12.37 -21.84
C LEU D 85 -8.46 -12.27 -20.33
N VAL D 86 -9.29 -13.15 -19.78
CA VAL D 86 -9.60 -13.13 -18.38
C VAL D 86 -8.94 -14.35 -17.78
N LEU D 87 -7.92 -14.11 -16.95
CA LEU D 87 -7.15 -15.19 -16.34
C LEU D 87 -7.80 -15.55 -15.01
N ASN D 88 -7.84 -16.83 -14.72
CA ASN D 88 -8.55 -17.30 -13.56
C ASN D 88 -8.13 -18.75 -13.37
N ALA D 89 -8.14 -19.20 -12.12
CA ALA D 89 -7.70 -20.57 -11.80
C ALA D 89 -8.44 -21.06 -10.61
N GLY D 90 -8.42 -22.37 -10.37
CA GLY D 90 -8.91 -22.95 -9.12
C GLY D 90 -8.01 -22.58 -7.97
N GLY D 91 -8.54 -22.60 -6.76
CA GLY D 91 -7.74 -22.19 -5.60
C GLY D 91 -6.91 -23.35 -5.09
N PRO D 92 -5.62 -23.14 -4.81
CA PRO D 92 -4.75 -24.23 -4.35
C PRO D 92 -4.98 -24.58 -2.90
N LYS D 93 -4.16 -25.51 -2.40
CA LYS D 93 -4.30 -26.08 -1.06
C LYS D 93 -4.06 -25.08 0.04
N ALA D 94 -5.00 -25.05 0.99
CA ALA D 94 -4.98 -24.27 2.19
C ALA D 94 -4.27 -25.02 3.27
N GLY D 95 -3.55 -24.35 4.15
CA GLY D 95 -2.81 -25.07 5.19
C GLY D 95 -1.83 -24.22 5.97
N PHE D 96 -1.46 -24.68 7.15
CA PHE D 96 -0.39 -24.05 7.86
C PHE D 96 0.95 -24.63 7.38
N PHE D 97 2.04 -24.01 7.77
CA PHE D 97 3.35 -24.25 7.14
C PHE D 97 3.84 -25.69 7.25
N ASP D 98 3.60 -26.33 8.39
CA ASP D 98 4.01 -27.73 8.57
C ASP D 98 3.21 -28.73 7.76
N GLU D 99 1.99 -28.38 7.34
CA GLU D 99 1.16 -29.29 6.54
C GLU D 99 1.17 -28.94 5.06
N LEU D 100 2.17 -28.19 4.61
CA LEU D 100 2.36 -27.91 3.19
C LEU D 100 3.76 -28.35 2.78
N THR D 101 3.89 -28.94 1.60
CA THR D 101 5.22 -29.39 1.15
C THR D 101 5.72 -28.45 0.08
N ASN D 102 6.96 -28.68 -0.34
CA ASN D 102 7.54 -27.93 -1.44
C ASN D 102 6.77 -28.16 -2.72
N GLU D 103 6.19 -29.34 -2.91
CA GLU D 103 5.36 -29.59 -4.11
C GLU D 103 4.09 -28.74 -4.12
N ASP D 104 3.52 -28.47 -2.94
CA ASP D 104 2.31 -27.61 -2.86
C ASP D 104 2.59 -26.21 -3.40
N PHE D 105 3.73 -25.65 -2.98
CA PHE D 105 4.21 -24.34 -3.42
C PHE D 105 4.56 -24.38 -4.89
N LYS D 106 5.20 -25.44 -5.32
CA LYS D 106 5.58 -25.54 -6.71
C LYS D 106 4.33 -25.54 -7.64
N GLU D 107 3.33 -26.33 -7.29
CA GLU D 107 2.14 -26.52 -8.10
C GLU D 107 1.33 -25.26 -8.20
N ALA D 108 1.27 -24.54 -7.10
CA ALA D 108 0.59 -23.27 -7.08
C ALA D 108 1.31 -22.22 -7.98
N ILE D 109 2.63 -22.18 -7.89
CA ILE D 109 3.44 -21.26 -8.70
C ILE D 109 3.31 -21.55 -10.20
N ASP D 110 3.35 -22.82 -10.55
CA ASP D 110 3.14 -23.27 -11.88
C ASP D 110 1.79 -22.81 -12.42
N SER D 111 0.76 -23.14 -11.68
CA SER D 111 -0.56 -23.06 -12.23
C SER D 111 -1.07 -21.65 -12.15
N LEU D 112 -0.81 -20.96 -11.03
CA LEU D 112 -1.28 -19.56 -10.86
C LEU D 112 -0.32 -18.50 -11.42
N PHE D 113 0.88 -18.85 -11.80
CA PHE D 113 1.83 -17.81 -12.23
C PHE D 113 2.50 -18.11 -13.57
N LEU D 114 3.33 -19.13 -13.62
CA LEU D 114 4.11 -19.42 -14.84
C LEU D 114 3.27 -19.86 -16.02
N ASN D 115 2.21 -20.63 -15.80
CA ASN D 115 1.29 -20.96 -16.90
C ASN D 115 0.54 -19.76 -17.45
N MET D 116 0.27 -18.83 -16.55
CA MET D 116 -0.44 -17.65 -16.86
C MET D 116 0.38 -16.76 -17.77
N ILE D 117 1.67 -16.64 -17.47
CA ILE D 117 2.62 -15.91 -18.30
C ILE D 117 2.66 -16.48 -19.71
N LYS D 118 2.73 -17.80 -19.81
CA LYS D 118 2.73 -18.50 -21.08
C LYS D 118 1.48 -18.15 -21.91
N ILE D 119 0.34 -18.02 -21.26
CA ILE D 119 -0.92 -17.73 -21.98
C ILE D 119 -0.94 -16.29 -22.49
N VAL D 120 -0.51 -15.37 -21.63
CA VAL D 120 -0.36 -13.97 -22.00
C VAL D 120 0.60 -13.84 -23.19
N ARG D 121 1.81 -14.34 -23.01
CA ARG D 121 2.78 -14.37 -24.10
C ARG D 121 2.16 -14.82 -25.41
N ASN D 122 1.25 -15.77 -25.37
CA ASN D 122 0.64 -16.24 -26.62
C ASN D 122 -0.30 -15.26 -27.27
N TYR D 123 -1.18 -14.62 -26.49
CA TYR D 123 -2.33 -13.86 -27.03
C TYR D 123 -2.04 -12.37 -27.17
N LEU D 124 -0.88 -11.97 -26.61
CA LEU D 124 -0.46 -10.57 -26.58
C LEU D 124 -0.06 -9.98 -27.92
N PRO D 125 0.64 -10.71 -28.78
CA PRO D 125 1.05 -10.16 -30.08
C PRO D 125 -0.10 -9.69 -30.98
N ALA D 126 -1.22 -10.40 -31.01
CA ALA D 126 -2.37 -9.98 -31.84
C ALA D 126 -3.09 -8.76 -31.26
N MET D 127 -3.03 -8.61 -29.94
CA MET D 127 -3.52 -7.37 -29.30
C MET D 127 -2.69 -6.12 -29.73
N LYS D 128 -1.37 -6.25 -29.64
CA LYS D 128 -0.45 -5.18 -30.11
C LYS D 128 -0.75 -4.82 -31.58
N GLU D 129 -0.88 -5.85 -32.43
CA GLU D 129 -1.13 -5.69 -33.86
C GLU D 129 -2.42 -4.86 -34.13
N LYS D 130 -3.47 -5.11 -33.35
CA LYS D 130 -4.74 -4.35 -33.45
C LYS D 130 -4.77 -3.01 -32.72
N GLY D 131 -3.78 -2.74 -31.88
CA GLY D 131 -3.76 -1.49 -31.09
C GLY D 131 -4.80 -1.38 -30.00
N TRP D 132 -5.44 -2.50 -29.66
CA TRP D 132 -6.41 -2.58 -28.54
C TRP D 132 -6.31 -3.94 -27.82
N GLY D 133 -6.50 -3.95 -26.51
CA GLY D 133 -6.67 -5.21 -25.79
C GLY D 133 -7.02 -5.06 -24.33
N ARG D 134 -7.44 -6.16 -23.70
CA ARG D 134 -7.66 -6.19 -22.26
C ARG D 134 -7.19 -7.50 -21.68
N ILE D 135 -6.39 -7.42 -20.62
CA ILE D 135 -6.05 -8.56 -19.77
C ILE D 135 -6.54 -8.27 -18.37
N VAL D 136 -7.31 -9.20 -17.82
CA VAL D 136 -7.87 -9.06 -16.45
C VAL D 136 -7.60 -10.37 -15.73
N ALA D 137 -6.93 -10.31 -14.57
CA ALA D 137 -6.69 -11.53 -13.75
C ALA D 137 -7.65 -11.46 -12.57
N ILE D 138 -8.30 -12.57 -12.30
CA ILE D 138 -9.07 -12.66 -11.07
C ILE D 138 -8.19 -13.28 -10.04
N THR D 139 -7.94 -12.54 -8.99
CA THR D 139 -7.02 -12.97 -7.96
C THR D 139 -7.82 -13.11 -6.68
N SER D 140 -7.49 -12.35 -5.63
CA SER D 140 -8.19 -12.42 -4.32
C SER D 140 -7.85 -11.23 -3.40
N PHE D 141 -8.81 -10.85 -2.59
CA PHE D 141 -8.57 -9.77 -1.65
C PHE D 141 -7.45 -10.17 -0.63
N SER D 142 -7.20 -11.46 -0.52
CA SER D 142 -6.15 -12.00 0.31
C SER D 142 -4.79 -11.50 -0.13
N VAL D 143 -4.72 -10.91 -1.32
CA VAL D 143 -3.50 -10.32 -1.79
C VAL D 143 -3.14 -9.10 -0.93
N ILE D 144 -4.10 -8.26 -0.55
CA ILE D 144 -3.78 -7.14 0.36
C ILE D 144 -4.15 -7.37 1.80
N SER D 145 -4.91 -8.41 2.05
CA SER D 145 -5.36 -8.73 3.38
C SER D 145 -5.16 -10.23 3.55
N PRO D 146 -3.90 -10.71 3.47
CA PRO D 146 -3.56 -12.14 3.55
C PRO D 146 -4.17 -12.96 4.72
N ILE D 147 -4.88 -14.02 4.36
CA ILE D 147 -5.48 -15.00 5.26
C ILE D 147 -4.43 -16.01 5.74
N GLU D 148 -4.54 -16.42 6.98
CA GLU D 148 -3.37 -16.96 7.70
C GLU D 148 -2.86 -18.32 7.22
N ASN D 149 -3.75 -19.07 6.56
CA ASN D 149 -3.44 -20.40 6.07
C ASN D 149 -3.49 -20.52 4.52
N LEU D 150 -3.32 -19.42 3.78
CA LEU D 150 -3.31 -19.49 2.31
C LEU D 150 -1.95 -19.14 1.72
N TYR D 151 -0.91 -19.67 2.35
CA TYR D 151 0.51 -19.49 1.97
C TYR D 151 0.81 -19.61 0.49
N THR D 152 0.30 -20.67 -0.13
CA THR D 152 0.56 -20.96 -1.56
C THR D 152 -0.20 -19.99 -2.50
N SER D 153 -1.46 -19.67 -2.24
CA SER D 153 -2.16 -18.74 -3.12
C SER D 153 -1.72 -17.30 -2.86
N ASN D 154 -1.49 -16.93 -1.60
CA ASN D 154 -1.08 -15.57 -1.30
C ASN D 154 0.17 -15.26 -2.12
N SER D 155 1.20 -16.07 -1.95
CA SER D 155 2.49 -15.77 -2.54
C SER D 155 2.50 -15.87 -4.05
N ALA D 156 1.77 -16.86 -4.60
CA ALA D 156 1.57 -17.02 -6.08
C ALA D 156 0.77 -15.90 -6.73
N ARG D 157 -0.28 -15.44 -6.07
CA ARG D 157 -1.06 -14.32 -6.59
C ARG D 157 -0.30 -13.00 -6.52
N MET D 158 0.61 -12.88 -5.56
CA MET D 158 1.48 -11.66 -5.45
C MET D 158 2.43 -11.64 -6.58
N ALA D 159 2.93 -12.83 -6.90
CA ALA D 159 3.82 -13.00 -8.01
C ALA D 159 3.16 -12.54 -9.29
N LEU D 160 1.98 -13.09 -9.58
CA LEU D 160 1.24 -12.74 -10.80
C LEU D 160 0.85 -11.24 -10.82
N THR D 161 0.46 -10.72 -9.67
CA THR D 161 0.12 -9.30 -9.58
C THR D 161 1.31 -8.43 -9.89
N GLY D 162 2.48 -8.79 -9.35
CA GLY D 162 3.75 -8.13 -9.68
C GLY D 162 4.17 -8.25 -11.13
N PHE D 163 4.01 -9.44 -11.69
CA PHE D 163 4.21 -9.62 -13.13
C PHE D 163 3.32 -8.69 -13.94
N LEU D 164 2.02 -8.67 -13.65
CA LEU D 164 1.07 -7.90 -14.53
C LEU D 164 1.26 -6.40 -14.42
N LYS D 165 1.62 -5.93 -13.23
CA LYS D 165 1.92 -4.52 -13.02
C LYS D 165 3.16 -4.12 -13.84
N THR D 166 4.17 -4.97 -13.87
CA THR D 166 5.36 -4.66 -14.62
C THR D 166 5.03 -4.66 -16.11
N LEU D 167 4.19 -5.60 -16.53
CA LEU D 167 3.70 -5.67 -17.92
C LEU D 167 2.89 -4.46 -18.33
N SER D 168 2.03 -3.97 -17.44
CA SER D 168 1.13 -2.86 -17.80
C SER D 168 1.88 -1.64 -18.29
N PHE D 169 3.07 -1.42 -17.79
CA PHE D 169 3.90 -0.30 -18.27
C PHE D 169 4.26 -0.41 -19.76
N GLU D 170 4.65 -1.62 -20.15
CA GLU D 170 5.14 -1.87 -21.50
C GLU D 170 4.05 -1.88 -22.57
N VAL D 171 2.87 -2.40 -22.22
CA VAL D 171 1.83 -2.63 -23.22
C VAL D 171 0.86 -1.45 -23.30
N ALA D 172 0.96 -0.54 -22.33
CA ALA D 172 0.10 0.63 -22.26
C ALA D 172 0.05 1.46 -23.55
N PRO D 173 1.19 1.75 -24.19
CA PRO D 173 1.17 2.54 -25.42
C PRO D 173 0.48 1.83 -26.56
N TYR D 174 0.28 0.52 -26.42
CA TYR D 174 -0.34 -0.24 -27.50
C TYR D 174 -1.85 -0.33 -27.37
N GLY D 175 -2.44 0.32 -26.38
CA GLY D 175 -3.89 0.33 -26.23
C GLY D 175 -4.42 -0.86 -25.46
N ILE D 176 -3.50 -1.56 -24.79
CA ILE D 176 -3.82 -2.73 -23.98
C ILE D 176 -3.79 -2.33 -22.53
N THR D 177 -4.88 -2.56 -21.78
CA THR D 177 -4.85 -2.40 -20.31
C THR D 177 -4.61 -3.74 -19.59
N VAL D 178 -4.05 -3.68 -18.38
CA VAL D 178 -3.71 -4.88 -17.59
C VAL D 178 -4.13 -4.62 -16.18
N ASN D 179 -5.08 -5.39 -15.70
CA ASN D 179 -5.67 -5.20 -14.37
C ASN D 179 -6.00 -6.52 -13.67
N CYS D 180 -6.10 -6.47 -12.33
CA CYS D 180 -6.58 -7.57 -11.53
C CYS D 180 -7.83 -7.14 -10.87
N VAL D 181 -8.70 -8.11 -10.59
CA VAL D 181 -9.88 -7.91 -9.79
C VAL D 181 -9.70 -8.88 -8.65
N ALA D 182 -9.83 -8.38 -7.41
CA ALA D 182 -9.54 -9.17 -6.20
C ALA D 182 -10.86 -9.36 -5.39
N PRO D 183 -11.63 -10.41 -5.70
CA PRO D 183 -12.87 -10.57 -5.03
C PRO D 183 -12.61 -11.02 -3.60
N GLY D 184 -13.44 -10.54 -2.69
CA GLY D 184 -13.53 -11.09 -1.36
C GLY D 184 -14.44 -12.30 -1.37
N TRP D 185 -15.06 -12.59 -0.25
CA TRP D 185 -15.85 -13.81 -0.12
C TRP D 185 -17.06 -13.81 -1.06
N THR D 186 -17.07 -14.79 -1.97
CA THR D 186 -18.12 -14.88 -2.98
C THR D 186 -18.89 -16.20 -2.86
N GLU D 187 -20.21 -16.12 -3.00
CA GLU D 187 -21.07 -17.30 -2.88
C GLU D 187 -21.04 -18.14 -4.15
N THR D 188 -19.88 -18.73 -4.45
CA THR D 188 -19.75 -19.75 -5.49
C THR D 188 -20.13 -21.10 -4.90
N GLU D 189 -20.66 -21.99 -5.74
CA GLU D 189 -20.99 -23.35 -5.32
C GLU D 189 -19.83 -24.04 -4.62
N ARG D 190 -18.62 -23.81 -5.11
CA ARG D 190 -17.42 -24.34 -4.47
C ARG D 190 -17.29 -23.90 -2.99
N VAL D 191 -17.62 -22.64 -2.70
CA VAL D 191 -17.52 -22.05 -1.34
C VAL D 191 -18.69 -22.53 -0.44
N LYS D 192 -19.89 -22.63 -1.02
CA LYS D 192 -21.02 -23.23 -0.35
C LYS D 192 -20.84 -24.74 -0.06
N GLU D 193 -19.61 -25.23 -0.22
CA GLU D 193 -19.29 -26.63 0.10
C GLU D 193 -18.02 -26.74 0.96
N LEU D 194 -17.04 -25.86 0.73
CA LEU D 194 -15.85 -25.75 1.59
C LEU D 194 -16.20 -25.27 3.03
N LEU D 195 -17.43 -24.80 3.25
CA LEU D 195 -17.82 -24.19 4.53
C LEU D 195 -19.11 -24.70 5.10
N SER D 196 -19.09 -24.84 6.42
CA SER D 196 -20.27 -25.13 7.22
C SER D 196 -21.27 -23.96 7.16
N GLU D 197 -22.39 -24.08 7.86
CA GLU D 197 -23.23 -22.93 8.16
C GLU D 197 -22.57 -22.04 9.22
N GLU D 198 -22.10 -22.67 10.28
CA GLU D 198 -21.47 -21.97 11.39
C GLU D 198 -20.30 -21.12 10.91
N LYS D 199 -19.41 -21.68 10.07
CA LYS D 199 -18.24 -20.89 9.58
C LYS D 199 -18.65 -19.78 8.59
N LYS D 200 -19.69 -20.05 7.78
CA LYS D 200 -20.24 -19.09 6.81
C LYS D 200 -20.78 -17.85 7.52
N LYS D 201 -21.59 -18.06 8.55
CA LYS D 201 -22.13 -16.95 9.36
C LYS D 201 -21.03 -16.15 10.10
N GLN D 202 -20.05 -16.83 10.72
CA GLN D 202 -18.93 -16.12 11.36
C GLN D 202 -18.27 -15.17 10.37
N VAL D 203 -17.98 -15.69 9.19
CA VAL D 203 -17.32 -14.93 8.12
C VAL D 203 -18.18 -13.75 7.69
N GLU D 204 -19.44 -14.07 7.39
CA GLU D 204 -20.45 -13.10 6.95
C GLU D 204 -20.59 -11.93 7.92
N SER D 205 -20.42 -12.22 9.21
CA SER D 205 -20.59 -11.23 10.27
C SER D 205 -19.36 -10.36 10.48
N GLN D 206 -18.27 -10.63 9.76
CA GLN D 206 -17.11 -9.73 9.76
C GLN D 206 -16.96 -8.92 8.45
N ILE D 207 -17.84 -9.16 7.49
CA ILE D 207 -17.93 -8.33 6.31
C ILE D 207 -18.87 -7.20 6.69
N PRO D 208 -18.44 -5.94 6.51
CA PRO D 208 -19.33 -4.80 6.69
C PRO D 208 -20.65 -4.90 5.99
N MET D 209 -20.66 -5.37 4.73
CA MET D 209 -21.91 -5.54 4.01
C MET D 209 -22.75 -6.66 4.55
N ARG D 210 -22.19 -7.41 5.50
CA ARG D 210 -22.87 -8.51 6.20
C ARG D 210 -23.31 -9.66 5.29
N ARG D 211 -22.58 -9.86 4.19
CA ARG D 211 -22.94 -10.91 3.22
C ARG D 211 -21.83 -11.12 2.24
N MET D 212 -21.85 -12.27 1.58
CA MET D 212 -20.89 -12.56 0.50
C MET D 212 -21.42 -12.10 -0.85
N ALA D 213 -20.53 -11.95 -1.82
CA ALA D 213 -20.92 -11.47 -3.15
C ALA D 213 -21.70 -12.52 -3.90
N LYS D 214 -22.74 -12.13 -4.64
CA LYS D 214 -23.25 -12.95 -5.74
C LYS D 214 -22.13 -12.94 -6.78
N PRO D 215 -21.84 -14.06 -7.45
CA PRO D 215 -20.78 -14.07 -8.45
C PRO D 215 -20.93 -12.98 -9.52
N GLU D 216 -22.15 -12.61 -9.92
CA GLU D 216 -22.32 -11.48 -10.89
C GLU D 216 -21.79 -10.14 -10.39
N GLU D 217 -21.72 -9.95 -9.07
CA GLU D 217 -21.22 -8.69 -8.50
C GLU D 217 -19.71 -8.52 -8.67
N ILE D 218 -19.00 -9.61 -8.91
CA ILE D 218 -17.57 -9.56 -9.24
C ILE D 218 -17.43 -9.54 -10.75
N ALA D 219 -18.23 -10.37 -11.42
CA ALA D 219 -18.38 -10.33 -12.90
C ALA D 219 -18.60 -8.91 -13.46
N SER D 220 -19.51 -8.10 -12.90
CA SER D 220 -19.73 -6.76 -13.48
C SER D 220 -18.51 -5.84 -13.45
N VAL D 221 -17.65 -5.98 -12.43
CA VAL D 221 -16.43 -5.17 -12.29
C VAL D 221 -15.46 -5.56 -13.39
N VAL D 222 -15.28 -6.87 -13.55
CA VAL D 222 -14.47 -7.40 -14.64
C VAL D 222 -15.02 -6.89 -15.96
N ALA D 223 -16.33 -7.06 -16.19
CA ALA D 223 -16.95 -6.62 -17.49
C ALA D 223 -16.68 -5.14 -17.77
N PHE D 224 -16.72 -4.32 -16.73
CA PHE D 224 -16.39 -2.91 -16.88
C PHE D 224 -14.94 -2.65 -17.32
N LEU D 225 -13.99 -3.33 -16.68
CA LEU D 225 -12.58 -3.19 -17.07
C LEU D 225 -12.39 -3.61 -18.51
N CYS D 226 -13.11 -4.63 -18.95
CA CYS D 226 -13.08 -5.06 -20.37
C CYS D 226 -13.69 -4.11 -21.42
N SER D 227 -14.54 -3.18 -20.98
CA SER D 227 -15.21 -2.26 -21.92
C SER D 227 -14.28 -1.17 -22.43
N GLU D 228 -14.73 -0.44 -23.45
CA GLU D 228 -13.95 0.66 -24.03
C GLU D 228 -13.93 1.86 -23.08
N LYS D 229 -14.83 1.88 -22.12
CA LYS D 229 -14.91 2.95 -21.14
C LYS D 229 -13.78 2.89 -20.08
N ALA D 230 -13.09 1.77 -19.95
CA ALA D 230 -12.04 1.66 -18.94
C ALA D 230 -10.68 1.91 -19.56
N SER D 231 -10.67 2.77 -20.58
CA SER D 231 -9.52 2.96 -21.44
C SER D 231 -8.32 3.64 -20.80
N TYR D 232 -8.51 4.38 -19.72
CA TYR D 232 -7.37 5.03 -19.07
C TYR D 232 -7.02 4.36 -17.76
N LEU D 233 -7.51 3.15 -17.54
CA LEU D 233 -7.36 2.43 -16.26
C LEU D 233 -6.50 1.16 -16.42
N THR D 234 -5.27 1.22 -15.96
CA THR D 234 -4.42 0.05 -16.08
C THR D 234 -3.42 0.00 -14.90
N GLY D 235 -2.85 -1.17 -14.68
CA GLY D 235 -1.87 -1.35 -13.61
C GLY D 235 -2.51 -1.33 -12.23
N GLN D 236 -3.81 -1.67 -12.18
CA GLN D 236 -4.62 -1.62 -10.93
C GLN D 236 -5.19 -2.96 -10.53
N THR D 237 -5.34 -3.14 -9.23
CA THR D 237 -6.02 -4.30 -8.61
C THR D 237 -7.25 -3.76 -7.95
N ILE D 238 -8.42 -4.02 -8.54
CA ILE D 238 -9.64 -3.54 -7.92
C ILE D 238 -10.17 -4.54 -6.91
N VAL D 239 -10.25 -4.14 -5.66
CA VAL D 239 -10.69 -5.02 -4.60
C VAL D 239 -12.18 -4.93 -4.44
N VAL D 240 -12.87 -6.06 -4.63
CA VAL D 240 -14.35 -6.13 -4.59
C VAL D 240 -14.83 -7.00 -3.43
N ASP D 241 -14.87 -6.45 -2.23
CA ASP D 241 -14.89 -7.32 -1.03
C ASP D 241 -15.88 -6.96 0.05
N GLY D 242 -16.85 -6.10 -0.29
CA GLY D 242 -17.92 -5.68 0.63
C GLY D 242 -17.43 -4.83 1.79
N GLY D 243 -16.17 -4.38 1.71
CA GLY D 243 -15.58 -3.48 2.69
C GLY D 243 -14.69 -4.17 3.69
N LEU D 244 -14.35 -5.42 3.44
CA LEU D 244 -13.62 -6.26 4.39
C LEU D 244 -12.20 -5.82 4.68
N SER D 245 -11.39 -5.68 3.64
CA SER D 245 -9.98 -5.33 3.84
C SER D 245 -9.86 -3.91 4.36
N LYS D 246 -8.89 -3.73 5.24
CA LYS D 246 -8.76 -2.47 5.96
C LYS D 246 -7.83 -1.46 5.30
N PHE D 247 -7.04 -1.90 4.34
CA PHE D 247 -6.06 -1.00 3.72
C PHE D 247 -6.72 0.23 3.09
N PRO D 248 -6.33 1.42 3.53
CA PRO D 248 -7.03 2.64 3.20
C PRO D 248 -6.70 3.28 1.87
N LEU D 249 -5.52 2.98 1.33
CA LEU D 249 -5.08 3.65 0.13
C LEU D 249 -5.37 2.77 -1.04
PA NAD E . 0.74 8.90 27.19
O1A NAD E . -0.49 9.59 27.61
O2A NAD E . 0.91 7.75 28.12
O5B NAD E . 1.87 10.06 27.21
C5B NAD E . 1.71 11.22 26.43
C4B NAD E . 1.79 12.56 27.17
O4B NAD E . 1.09 13.51 26.40
C3B NAD E . 1.18 12.70 28.53
O3B NAD E . 2.24 13.05 29.36
C2B NAD E . 0.16 13.83 28.49
O2B NAD E . 0.21 14.75 29.56
C1B NAD E . 0.57 14.52 27.21
N9A NAD E . -0.52 15.15 26.45
C8A NAD E . -1.81 14.70 26.25
N7A NAD E . -2.46 15.60 25.47
C5A NAD E . -1.60 16.59 25.15
C6A NAD E . -1.74 17.74 24.40
N6A NAD E . -2.94 18.10 23.99
N1A NAD E . -0.65 18.59 24.26
C2A NAD E . 0.56 18.32 24.88
N3A NAD E . 0.68 17.16 25.62
C4A NAD E . -0.37 16.32 25.76
O3 NAD E . 0.70 8.37 25.66
PN NAD E . 1.93 8.15 24.61
O1N NAD E . 2.27 6.70 24.61
O2N NAD E . 3.05 9.12 24.78
O5D NAD E . 1.15 8.47 23.24
C5D NAD E . 0.65 7.38 22.49
C4D NAD E . 0.05 7.84 21.17
O4D NAD E . 0.33 6.89 20.15
C3D NAD E . -1.46 7.88 21.31
O3D NAD E . -1.99 9.05 20.72
C2D NAD E . -1.96 6.59 20.66
O2D NAD E . -3.01 6.83 19.72
C1D NAD E . -0.72 5.94 20.03
#